data_6AS6
#
_entry.id   6AS6
#
_cell.length_a   78.804
_cell.length_b   78.804
_cell.length_c   224.946
_cell.angle_alpha   90.00
_cell.angle_beta   90.00
_cell.angle_gamma   90.00
#
_symmetry.space_group_name_H-M   'P 43 21 2'
#
loop_
_entity.id
_entity.type
_entity.pdbx_description
1 polymer 'Malate synthase G'
2 non-polymer 'MAGNESIUM ION'
3 non-polymer '(2Z)-4-(5-cyclopropyl-2-methylphenyl)-2-hydroxy-4-oxobut-2-enoic acid'
4 non-polymer DI(HYDROXYETHYL)ETHER
5 water water
#
_entity_poly.entity_id   1
_entity_poly.type   'polypeptide(L)'
_entity_poly.pdbx_seq_one_letter_code
;MTDRVSVGNLRIARVLYDFVNNEALPGTDIDPDSFWAGVDKVVADLTPQNQALLNARDELQAQIDKWHRRRVIEPIDMDA
YRQFLTEIGYLLPEPDDFTITTSGVDAEITTTAGPQLVVPVLNARFALNAANARWGSLYDALYGTDVIPETDGAEKGPTY
NKVRGDKVIAYARKFLDDSVPLSSGSFGDATGFTVQDGQLVVALPDKSTGLANPGQFAGYTGAAESPTSVLLINHGLHIE
ILIDPESQVGTTDRAGVKDVILESAITTIMDFEDSVAAVDAADKVLGYRNWLGLNKGDLAAAVDKDGTAFLRVLNRDRNY
TAPGGGQFTLPGRSLMFVRNVGHLMTNDAIVDTDGSEVFEGIMDALFTGLIAIHGLKASDVNGPLINSRTGSIYIVKPKM
HGPAEVAFTCELFSRVEDVLGLPQNTMKIGIMDEERRTTVNLKACIKAAADRVVFINTGFLDRTGDEIHTSMEAGPMVRK
GTMKSQPWILAYEDHNVDAGLAAGFSGRAQVGKGMWTMTELMADMVETKIAQPRAGASTAWVPSPTAATLHALHYHQVDV
AAVQQGLAGKRRATIEQLLTIPLAKELAWAPDEIREEVDNNCQSILGYVVRWVDQGVGASKVPDIHDVALMEDRATLRIS
SQLLANWLRHGVITSADVRASLERMAPLVDRQNAGDVAYRPMAPNFDDSIAFLAAQELILSGAQQPNGYTEPILHRRRRE
FKARAAEKPAPSDRAGDDAAR
;
_entity_poly.pdbx_strand_id   A
#
# COMPACT_ATOMS: atom_id res chain seq x y z
N THR A 2 24.57 2.84 -30.04
CA THR A 2 24.08 3.69 -28.98
C THR A 2 24.62 3.08 -27.68
N ASP A 3 23.69 2.91 -26.78
CA ASP A 3 23.77 2.37 -25.48
C ASP A 3 22.56 1.40 -25.42
N ARG A 4 22.14 0.85 -26.55
CA ARG A 4 21.03 -0.10 -26.60
C ARG A 4 21.39 -1.43 -27.25
N VAL A 5 20.63 -2.45 -26.93
CA VAL A 5 20.84 -3.80 -27.43
C VAL A 5 19.63 -4.17 -28.29
N SER A 6 19.88 -4.67 -29.50
CA SER A 6 18.80 -5.05 -30.39
C SER A 6 18.38 -6.49 -30.13
N VAL A 7 17.10 -6.68 -29.84
CA VAL A 7 16.48 -7.99 -29.76
C VAL A 7 15.17 -7.87 -30.53
N GLY A 8 15.12 -8.48 -31.71
CA GLY A 8 13.92 -8.36 -32.53
C GLY A 8 13.62 -6.91 -32.84
N ASN A 9 12.40 -6.49 -32.55
CA ASN A 9 12.00 -5.11 -32.77
C ASN A 9 12.35 -4.18 -31.61
N LEU A 10 12.98 -4.70 -30.57
CA LEU A 10 13.21 -3.91 -29.36
C LEU A 10 14.65 -3.44 -29.28
N ARG A 11 14.85 -2.29 -28.63
CA ARG A 11 16.16 -1.70 -28.39
C ARG A 11 16.25 -1.45 -26.88
N ILE A 12 16.97 -2.32 -26.19
CA ILE A 12 16.95 -2.40 -24.73
C ILE A 12 18.11 -1.58 -24.17
N ALA A 13 17.83 -0.70 -23.23
CA ALA A 13 18.90 0.02 -22.53
C ALA A 13 19.95 -0.95 -22.00
N ARG A 14 21.23 -0.66 -22.26
CA ARG A 14 22.28 -1.61 -21.91
C ARG A 14 22.27 -1.95 -20.43
N VAL A 15 22.01 -0.95 -19.57
CA VAL A 15 22.03 -1.19 -18.12
C VAL A 15 21.00 -2.24 -17.73
N LEU A 16 19.85 -2.24 -18.40
CA LEU A 16 18.81 -3.22 -18.12
C LEU A 16 19.16 -4.58 -18.72
N TYR A 17 19.70 -4.59 -19.94
CA TYR A 17 20.12 -5.84 -20.55
C TYR A 17 21.15 -6.55 -19.67
N ASP A 18 22.16 -5.80 -19.21
CA ASP A 18 23.22 -6.39 -18.40
C ASP A 18 22.69 -6.84 -17.06
N PHE A 19 21.82 -6.04 -16.43
CA PHE A 19 21.29 -6.45 -15.14
C PHE A 19 20.54 -7.77 -15.25
N VAL A 20 19.72 -7.91 -16.28
CA VAL A 20 18.95 -9.14 -16.44
C VAL A 20 19.87 -10.34 -16.68
N ASN A 21 20.87 -10.18 -17.57
CA ASN A 21 21.72 -11.32 -17.91
C ASN A 21 22.64 -11.70 -16.76
N ASN A 22 23.22 -10.70 -16.09
CA ASN A 22 24.25 -10.98 -15.10
C ASN A 22 23.70 -11.25 -13.71
N GLU A 23 22.51 -10.73 -13.41
CA GLU A 23 21.98 -10.75 -12.05
C GLU A 23 20.64 -11.46 -11.93
N ALA A 24 19.69 -11.14 -12.82
CA ALA A 24 18.35 -11.70 -12.66
C ALA A 24 18.23 -13.12 -13.21
N LEU A 25 18.83 -13.39 -14.36
CA LEU A 25 18.67 -14.69 -15.01
C LEU A 25 19.46 -15.85 -14.37
N PRO A 26 20.71 -15.66 -13.93
CA PRO A 26 21.45 -16.80 -13.37
C PRO A 26 20.77 -17.40 -12.14
N GLY A 27 20.56 -18.70 -12.19
CA GLY A 27 19.91 -19.43 -11.12
C GLY A 27 18.44 -19.74 -11.35
N THR A 28 17.85 -19.25 -12.44
CA THR A 28 16.47 -19.55 -12.78
C THR A 28 16.35 -20.69 -13.79
N ASP A 29 17.45 -21.11 -14.39
CA ASP A 29 17.49 -22.10 -15.46
C ASP A 29 16.76 -21.67 -16.73
N ILE A 30 16.41 -20.39 -16.86
CA ILE A 30 15.83 -19.88 -18.09
C ILE A 30 16.96 -19.50 -19.04
N ASP A 31 16.84 -19.93 -20.28
CA ASP A 31 17.85 -19.63 -21.27
C ASP A 31 17.81 -18.15 -21.62
N PRO A 32 18.93 -17.44 -21.52
CA PRO A 32 18.92 -15.99 -21.80
C PRO A 32 18.35 -15.61 -23.16
N ASP A 33 18.72 -16.33 -24.21
CA ASP A 33 18.21 -15.98 -25.54
C ASP A 33 16.70 -16.22 -25.63
N SER A 34 16.21 -17.28 -24.99
CA SER A 34 14.78 -17.55 -25.03
C SER A 34 14.00 -16.51 -24.24
N PHE A 35 14.58 -16.03 -23.14
CA PHE A 35 13.91 -14.99 -22.36
C PHE A 35 13.73 -13.72 -23.19
N TRP A 36 14.81 -13.27 -23.84
CA TRP A 36 14.73 -12.03 -24.59
C TRP A 36 13.84 -12.16 -25.82
N ALA A 37 13.86 -13.33 -26.46
CA ALA A 37 12.89 -13.58 -27.53
C ALA A 37 11.47 -13.52 -26.99
N GLY A 38 11.27 -13.99 -25.76
CA GLY A 38 9.94 -13.91 -25.17
C GLY A 38 9.52 -12.48 -24.86
N VAL A 39 10.46 -11.65 -24.41
CA VAL A 39 10.17 -10.23 -24.19
C VAL A 39 9.71 -9.59 -25.49
N ASP A 40 10.44 -9.82 -26.57
CA ASP A 40 10.09 -9.26 -27.87
C ASP A 40 8.70 -9.71 -28.29
N LYS A 41 8.40 -11.00 -28.13
CA LYS A 41 7.14 -11.55 -28.59
C LYS A 41 5.95 -11.07 -27.75
N VAL A 42 6.12 -11.01 -26.43
CA VAL A 42 5.04 -10.53 -25.56
C VAL A 42 4.76 -9.05 -25.82
N VAL A 43 5.80 -8.23 -25.93
CA VAL A 43 5.60 -6.81 -26.23
C VAL A 43 4.88 -6.64 -27.56
N ALA A 44 5.36 -7.31 -28.60
CA ALA A 44 4.68 -7.18 -29.90
C ALA A 44 3.23 -7.66 -29.83
N ASP A 45 2.98 -8.76 -29.12
CA ASP A 45 1.65 -9.37 -29.15
C ASP A 45 0.62 -8.58 -28.34
N LEU A 46 1.02 -8.04 -27.18
CA LEU A 46 0.04 -7.46 -26.26
C LEU A 46 -0.03 -5.95 -26.29
N THR A 47 0.94 -5.25 -26.87
CA THR A 47 0.88 -3.80 -26.96
C THR A 47 -0.38 -3.28 -27.62
N PRO A 48 -0.87 -3.85 -28.74
CA PRO A 48 -2.13 -3.33 -29.31
C PRO A 48 -3.30 -3.33 -28.35
N GLN A 49 -3.52 -4.44 -27.62
CA GLN A 49 -4.64 -4.47 -26.67
CA GLN A 49 -4.62 -4.50 -26.65
C GLN A 49 -4.43 -3.46 -25.55
N ASN A 50 -3.20 -3.33 -25.06
CA ASN A 50 -2.90 -2.34 -24.03
C ASN A 50 -3.31 -0.95 -24.50
N GLN A 51 -2.91 -0.58 -25.73
CA GLN A 51 -3.28 0.73 -26.26
C GLN A 51 -4.77 0.87 -26.45
N ALA A 52 -5.43 -0.19 -26.93
CA ALA A 52 -6.87 -0.13 -27.14
C ALA A 52 -7.61 0.11 -25.83
N LEU A 53 -7.15 -0.52 -24.75
CA LEU A 53 -7.79 -0.32 -23.46
C LEU A 53 -7.63 1.12 -22.99
N LEU A 54 -6.44 1.70 -23.17
CA LEU A 54 -6.25 3.10 -22.82
C LEU A 54 -7.13 4.01 -23.68
N ASN A 55 -7.27 3.68 -24.98
CA ASN A 55 -8.14 4.46 -25.83
C ASN A 55 -9.60 4.37 -25.38
N ALA A 56 -10.01 3.20 -24.88
CA ALA A 56 -11.38 3.05 -24.39
C ALA A 56 -11.64 3.92 -23.16
N ARG A 57 -10.66 4.07 -22.26
CA ARG A 57 -10.81 5.01 -21.15
C ARG A 57 -11.11 6.40 -21.66
N ASP A 58 -10.35 6.85 -22.68
CA ASP A 58 -10.51 8.21 -23.18
C ASP A 58 -11.87 8.41 -23.81
N GLU A 59 -12.36 7.43 -24.58
CA GLU A 59 -13.65 7.58 -25.23
C GLU A 59 -14.80 7.57 -24.22
N LEU A 60 -14.70 6.75 -23.19
CA LEU A 60 -15.75 6.75 -22.17
C LEU A 60 -15.77 8.08 -21.43
N GLN A 61 -14.59 8.61 -21.12
CA GLN A 61 -14.53 9.87 -20.41
C GLN A 61 -14.99 11.03 -21.27
N ALA A 62 -14.72 10.98 -22.58
CA ALA A 62 -15.23 12.02 -23.47
C ALA A 62 -16.75 12.05 -23.46
N GLN A 63 -17.38 10.88 -23.53
CA GLN A 63 -18.83 10.81 -23.48
C GLN A 63 -19.38 11.33 -22.15
N ILE A 64 -18.71 10.99 -21.04
CA ILE A 64 -19.20 11.45 -19.74
C ILE A 64 -19.05 12.97 -19.61
N ASP A 65 -17.92 13.51 -20.06
CA ASP A 65 -17.75 14.96 -20.08
C ASP A 65 -18.89 15.62 -20.85
N LYS A 66 -19.14 15.14 -22.07
CA LYS A 66 -20.18 15.72 -22.90
C LYS A 66 -21.53 15.64 -22.21
N TRP A 67 -21.85 14.47 -21.64
CA TRP A 67 -23.13 14.28 -20.97
C TRP A 67 -23.37 15.34 -19.90
N HIS A 68 -22.36 15.63 -19.08
CA HIS A 68 -22.56 16.63 -18.04
C HIS A 68 -22.72 18.02 -18.63
N ARG A 69 -21.98 18.32 -19.70
CA ARG A 69 -22.04 19.66 -20.31
C ARG A 69 -23.39 19.93 -20.95
N ARG A 70 -24.12 18.88 -21.32
CA ARG A 70 -25.38 19.03 -22.04
C ARG A 70 -26.59 18.96 -21.13
N ARG A 71 -26.42 19.16 -19.82
CA ARG A 71 -27.53 19.11 -18.89
CA ARG A 71 -27.53 19.11 -18.87
C ARG A 71 -27.68 20.43 -18.15
N VAL A 72 -28.94 20.81 -17.93
CA VAL A 72 -29.27 21.98 -17.15
C VAL A 72 -30.04 21.64 -15.88
N ILE A 73 -30.60 20.44 -15.79
CA ILE A 73 -31.52 20.00 -14.75
C ILE A 73 -30.93 20.21 -13.35
N GLU A 74 -31.80 20.25 -12.33
CA GLU A 74 -31.59 20.33 -10.89
C GLU A 74 -30.54 19.29 -10.42
N PRO A 75 -30.64 18.58 -9.28
CA PRO A 75 -29.62 17.55 -9.03
C PRO A 75 -29.70 16.46 -10.09
N ILE A 76 -28.63 15.66 -10.15
CA ILE A 76 -28.49 14.71 -11.24
C ILE A 76 -29.63 13.70 -11.20
N ASP A 77 -30.32 13.55 -12.33
CA ASP A 77 -31.30 12.49 -12.52
C ASP A 77 -30.56 11.17 -12.53
N MET A 78 -30.58 10.47 -11.39
CA MET A 78 -29.82 9.22 -11.26
C MET A 78 -30.28 8.16 -12.25
N ASP A 79 -31.59 8.08 -12.50
CA ASP A 79 -32.11 7.06 -13.41
C ASP A 79 -31.60 7.27 -14.83
N ALA A 80 -31.49 8.52 -15.26
CA ALA A 80 -30.97 8.80 -16.59
C ALA A 80 -29.46 8.55 -16.66
N TYR A 81 -28.73 9.04 -15.66
CA TYR A 81 -27.29 8.83 -15.58
C TYR A 81 -26.95 7.35 -15.64
N ARG A 82 -27.67 6.55 -14.87
CA ARG A 82 -27.39 5.11 -14.81
C ARG A 82 -27.63 4.45 -16.16
N GLN A 83 -28.73 4.78 -16.83
CA GLN A 83 -28.98 4.15 -18.12
C GLN A 83 -28.02 4.65 -19.19
N PHE A 84 -27.55 5.89 -19.05
CA PHE A 84 -26.51 6.39 -19.93
C PHE A 84 -25.22 5.60 -19.76
N LEU A 85 -24.78 5.41 -18.52
CA LEU A 85 -23.55 4.68 -18.26
C LEU A 85 -23.66 3.23 -18.73
N THR A 86 -24.86 2.66 -18.68
CA THR A 86 -25.07 1.32 -19.20
C THR A 86 -25.01 1.32 -20.72
N GLU A 87 -25.58 2.35 -21.34
CA GLU A 87 -25.56 2.47 -22.79
C GLU A 87 -24.14 2.49 -23.32
N ILE A 88 -23.27 3.31 -22.72
CA ILE A 88 -21.91 3.47 -23.23
C ILE A 88 -20.97 2.34 -22.84
N GLY A 89 -21.43 1.37 -22.05
CA GLY A 89 -20.57 0.26 -21.68
C GLY A 89 -19.70 0.51 -20.47
N TYR A 90 -19.97 1.58 -19.73
CA TYR A 90 -19.25 1.87 -18.50
C TYR A 90 -19.74 0.99 -17.37
N LEU A 91 -21.07 0.86 -17.24
CA LEU A 91 -21.71 0.00 -16.26
C LEU A 91 -22.07 -1.29 -17.01
N LEU A 92 -21.43 -2.39 -16.62
CA LEU A 92 -21.65 -3.67 -17.30
C LEU A 92 -22.55 -4.56 -16.45
N PRO A 93 -23.18 -5.57 -17.06
CA PRO A 93 -24.00 -6.49 -16.28
C PRO A 93 -23.20 -7.16 -15.16
N GLU A 94 -23.87 -7.41 -14.05
CA GLU A 94 -23.29 -8.13 -12.93
C GLU A 94 -23.40 -9.64 -13.17
N PRO A 95 -22.31 -10.38 -13.08
CA PRO A 95 -22.37 -11.82 -13.32
C PRO A 95 -23.05 -12.55 -12.17
N ASP A 96 -23.42 -13.80 -12.45
CA ASP A 96 -24.00 -14.64 -11.42
C ASP A 96 -22.97 -14.93 -10.33
N ASP A 97 -23.48 -15.31 -9.16
CA ASP A 97 -22.62 -15.63 -8.02
C ASP A 97 -21.61 -16.69 -8.42
N PHE A 98 -20.45 -16.63 -7.78
CA PHE A 98 -19.37 -17.57 -8.02
C PHE A 98 -18.45 -17.54 -6.82
N THR A 99 -17.57 -18.54 -6.75
CA THR A 99 -16.55 -18.61 -5.72
C THR A 99 -15.19 -18.65 -6.42
N ILE A 100 -14.23 -17.87 -5.91
CA ILE A 100 -12.89 -17.89 -6.50
C ILE A 100 -12.26 -19.26 -6.31
N THR A 101 -11.32 -19.58 -7.22
CA THR A 101 -10.66 -20.87 -7.25
C THR A 101 -9.15 -20.79 -7.03
N THR A 102 -8.62 -19.60 -6.76
CA THR A 102 -7.18 -19.41 -6.57
C THR A 102 -6.61 -20.41 -5.56
N SER A 103 -5.52 -21.08 -5.93
CA SER A 103 -4.89 -22.08 -5.08
C SER A 103 -3.39 -21.86 -5.00
N GLY A 104 -2.75 -22.57 -4.08
CA GLY A 104 -1.31 -22.42 -3.89
C GLY A 104 -0.91 -21.15 -3.18
N VAL A 105 -1.81 -20.59 -2.36
CA VAL A 105 -1.61 -19.32 -1.68
C VAL A 105 -1.16 -19.58 -0.25
N ASP A 106 -0.27 -18.72 0.25
CA ASP A 106 0.29 -18.88 1.58
C ASP A 106 -0.73 -18.49 2.66
N ALA A 107 -0.52 -19.05 3.86
CA ALA A 107 -1.46 -18.84 4.96
C ALA A 107 -1.55 -17.38 5.36
N GLU A 108 -0.45 -16.63 5.24
CA GLU A 108 -0.45 -15.20 5.55
C GLU A 108 -1.52 -14.45 4.78
N ILE A 109 -1.92 -14.96 3.61
CA ILE A 109 -2.90 -14.31 2.76
C ILE A 109 -4.28 -14.93 2.90
N THR A 110 -4.37 -16.27 2.91
CA THR A 110 -5.68 -16.90 2.94
C THR A 110 -6.33 -16.82 4.31
N THR A 111 -5.53 -16.81 5.37
CA THR A 111 -6.07 -17.08 6.70
C THR A 111 -5.75 -16.00 7.71
N THR A 112 -4.52 -15.51 7.75
CA THR A 112 -4.11 -14.58 8.80
C THR A 112 -4.67 -13.19 8.52
N ALA A 113 -5.34 -12.61 9.51
CA ALA A 113 -5.74 -11.21 9.47
C ALA A 113 -4.71 -10.36 10.20
N GLY A 114 -4.23 -9.31 9.55
CA GLY A 114 -3.22 -8.48 10.16
C GLY A 114 -2.73 -7.39 9.22
N PRO A 115 -1.84 -6.54 9.72
CA PRO A 115 -1.41 -5.36 8.94
C PRO A 115 -0.62 -5.74 7.70
N GLN A 116 -0.71 -4.86 6.69
CA GLN A 116 0.03 -4.99 5.43
C GLN A 116 0.80 -3.69 5.20
N LEU A 117 2.12 -3.81 5.12
CA LEU A 117 2.99 -2.65 5.04
C LEU A 117 3.38 -2.41 3.59
N VAL A 118 3.43 -1.14 3.18
CA VAL A 118 3.85 -0.76 1.82
C VAL A 118 5.12 0.06 1.93
N VAL A 119 6.12 -0.24 1.09
CA VAL A 119 7.40 0.46 1.15
C VAL A 119 7.95 0.68 -0.26
N PRO A 120 8.56 1.83 -0.54
CA PRO A 120 9.20 2.05 -1.85
C PRO A 120 10.37 1.10 -2.04
N VAL A 121 10.34 0.35 -3.13
CA VAL A 121 11.38 -0.65 -3.38
C VAL A 121 12.71 -0.02 -3.72
N LEU A 122 12.73 1.23 -4.16
CA LEU A 122 14.00 1.85 -4.52
C LEU A 122 14.85 2.21 -3.31
N ASN A 123 14.29 2.17 -2.10
CA ASN A 123 15.01 2.49 -0.87
C ASN A 123 15.35 1.17 -0.19
N ALA A 124 16.61 0.74 -0.35
CA ALA A 124 17.01 -0.57 0.15
C ALA A 124 16.89 -0.66 1.66
N ARG A 125 17.26 0.41 2.37
CA ARG A 125 17.19 0.38 3.82
C ARG A 125 15.76 0.24 4.31
N PHE A 126 14.84 1.02 3.73
CA PHE A 126 13.44 0.90 4.11
C PHE A 126 12.87 -0.46 3.75
N ALA A 127 13.24 -0.99 2.57
CA ALA A 127 12.72 -2.29 2.16
C ALA A 127 13.16 -3.39 3.10
N LEU A 128 14.44 -3.35 3.53
CA LEU A 128 14.93 -4.31 4.51
C LEU A 128 14.15 -4.21 5.81
N ASN A 129 13.98 -2.99 6.35
CA ASN A 129 13.24 -2.85 7.59
C ASN A 129 11.81 -3.37 7.44
N ALA A 130 11.24 -3.20 6.24
CA ALA A 130 9.85 -3.60 6.04
C ALA A 130 9.74 -5.12 5.99
N ALA A 131 10.67 -5.78 5.30
CA ALA A 131 10.69 -7.23 5.31
C ALA A 131 10.90 -7.77 6.72
N ASN A 132 11.71 -7.08 7.53
CA ASN A 132 11.95 -7.51 8.91
C ASN A 132 10.84 -7.11 9.84
N ALA A 133 9.83 -6.38 9.36
CA ALA A 133 8.78 -5.84 10.22
C ALA A 133 7.71 -6.88 10.58
N ARG A 134 7.92 -8.16 10.21
CA ARG A 134 7.04 -9.23 10.65
C ARG A 134 6.98 -9.30 12.17
N TRP A 135 8.06 -8.91 12.85
CA TRP A 135 8.10 -8.86 14.29
C TRP A 135 8.56 -7.47 14.71
N GLY A 136 7.91 -6.88 15.70
CA GLY A 136 8.28 -5.55 16.15
C GLY A 136 8.04 -5.40 17.63
N SER A 137 8.81 -4.52 18.25
CA SER A 137 8.73 -4.29 19.69
C SER A 137 7.52 -3.40 19.99
N LEU A 138 6.56 -3.91 20.77
CA LEU A 138 5.47 -3.07 21.24
C LEU A 138 5.98 -1.95 22.17
N TYR A 139 7.00 -2.25 22.99
CA TYR A 139 7.51 -1.23 23.88
C TYR A 139 8.10 -0.06 23.10
N ASP A 140 8.86 -0.36 22.04
CA ASP A 140 9.43 0.72 21.25
C ASP A 140 8.34 1.53 20.56
N ALA A 141 7.32 0.84 20.04
CA ALA A 141 6.24 1.52 19.33
C ALA A 141 5.45 2.41 20.28
N LEU A 142 5.30 1.99 21.53
CA LEU A 142 4.57 2.80 22.51
C LEU A 142 5.43 3.94 23.05
N TYR A 143 6.67 3.64 23.44
CA TYR A 143 7.53 4.67 24.02
C TYR A 143 7.84 5.77 23.01
N GLY A 144 8.09 5.39 21.76
CA GLY A 144 8.57 6.33 20.77
C GLY A 144 7.52 7.17 20.08
N THR A 145 6.24 6.93 20.34
CA THR A 145 5.18 7.65 19.64
C THR A 145 4.26 8.31 20.65
N ASP A 146 3.27 9.03 20.15
CA ASP A 146 2.33 9.71 21.02
C ASP A 146 1.21 8.80 21.54
N VAL A 147 1.27 7.48 21.31
CA VAL A 147 0.27 6.60 21.92
C VAL A 147 0.27 6.76 23.43
N ILE A 148 1.45 6.86 24.03
CA ILE A 148 1.60 7.30 25.42
C ILE A 148 1.74 8.80 25.39
N PRO A 149 0.76 9.57 25.85
CA PRO A 149 0.87 11.04 25.78
C PRO A 149 2.12 11.54 26.49
N GLU A 150 2.74 12.57 25.91
CA GLU A 150 3.87 13.24 26.54
C GLU A 150 3.37 14.31 27.52
N THR A 151 2.57 13.85 28.48
CA THR A 151 2.06 14.76 29.49
C THR A 151 3.18 15.12 30.47
N ASP A 152 2.85 16.04 31.38
CA ASP A 152 3.80 16.47 32.40
C ASP A 152 4.40 15.26 33.11
N GLY A 153 5.72 15.14 33.08
CA GLY A 153 6.41 14.05 33.73
C GLY A 153 6.63 12.82 32.87
N ALA A 154 5.90 12.68 31.76
CA ALA A 154 6.04 11.50 30.90
C ALA A 154 6.66 11.83 29.54
N GLU A 155 7.41 12.93 29.45
CA GLU A 155 7.96 13.36 28.18
C GLU A 155 9.17 12.52 27.79
N LYS A 156 9.39 12.40 26.49
CA LYS A 156 10.62 11.81 26.00
C LYS A 156 11.76 12.81 26.15
N GLY A 157 12.93 12.31 26.51
CA GLY A 157 14.12 13.13 26.61
C GLY A 157 15.27 12.46 25.89
N PRO A 158 16.49 12.96 26.11
CA PRO A 158 17.65 12.27 25.53
C PRO A 158 17.88 10.91 26.15
N THR A 159 17.46 10.69 27.39
CA THR A 159 17.63 9.44 28.09
C THR A 159 16.28 8.86 28.49
N TYR A 160 16.31 7.62 28.99
CA TYR A 160 15.08 6.89 29.33
C TYR A 160 14.33 7.58 30.46
N ASN A 161 13.02 7.77 30.27
CA ASN A 161 12.15 8.34 31.29
C ASN A 161 11.36 7.20 31.92
N LYS A 162 11.67 6.89 33.18
CA LYS A 162 11.07 5.74 33.85
C LYS A 162 9.56 5.92 34.04
N VAL A 163 9.11 7.15 34.25
CA VAL A 163 7.67 7.40 34.38
C VAL A 163 6.97 7.01 33.09
N ARG A 164 7.56 7.41 31.96
CA ARG A 164 7.01 7.05 30.67
C ARG A 164 7.14 5.55 30.41
N GLY A 165 8.29 4.98 30.74
CA GLY A 165 8.46 3.55 30.56
C GLY A 165 7.44 2.75 31.35
N ASP A 166 7.10 3.21 32.56
CA ASP A 166 6.10 2.52 33.38
C ASP A 166 4.72 2.61 32.74
N LYS A 167 4.41 3.72 32.09
CA LYS A 167 3.15 3.80 31.34
C LYS A 167 3.15 2.82 30.17
N VAL A 168 4.31 2.66 29.52
CA VAL A 168 4.42 1.70 28.43
C VAL A 168 4.14 0.29 28.96
N ILE A 169 4.81 -0.07 30.06
CA ILE A 169 4.62 -1.40 30.65
C ILE A 169 3.16 -1.63 30.98
N ALA A 170 2.51 -0.62 31.59
CA ALA A 170 1.12 -0.77 32.00
C ALA A 170 0.19 -0.92 30.81
N TYR A 171 0.45 -0.18 29.73
CA TYR A 171 -0.34 -0.31 28.52
C TYR A 171 -0.24 -1.73 27.98
N ALA A 172 0.98 -2.26 27.94
CA ALA A 172 1.19 -3.60 27.40
C ALA A 172 0.57 -4.68 28.30
N ARG A 173 0.57 -4.47 29.62
CA ARG A 173 -0.07 -5.44 30.51
C ARG A 173 -1.57 -5.49 30.28
N LYS A 174 -2.19 -4.33 30.06
CA LYS A 174 -3.62 -4.32 29.77
C LYS A 174 -3.90 -5.00 28.45
N PHE A 175 -3.03 -4.80 27.45
CA PHE A 175 -3.15 -5.52 26.19
C PHE A 175 -3.11 -7.03 26.39
N LEU A 176 -2.19 -7.51 27.24
CA LEU A 176 -2.13 -8.94 27.52
C LEU A 176 -3.40 -9.41 28.21
N ASP A 177 -3.89 -8.66 29.20
CA ASP A 177 -5.14 -9.03 29.85
C ASP A 177 -6.29 -9.10 28.85
N ASP A 178 -6.33 -8.15 27.90
CA ASP A 178 -7.44 -8.12 26.96
C ASP A 178 -7.30 -9.20 25.88
N SER A 179 -6.08 -9.62 25.56
CA SER A 179 -5.84 -10.50 24.43
C SER A 179 -5.69 -11.96 24.82
N VAL A 180 -5.01 -12.25 25.92
CA VAL A 180 -4.74 -13.63 26.36
C VAL A 180 -5.04 -13.69 27.85
N PRO A 181 -6.31 -13.67 28.25
CA PRO A 181 -6.65 -13.48 29.67
C PRO A 181 -6.21 -14.64 30.54
N LEU A 182 -5.88 -14.30 31.79
CA LEU A 182 -5.57 -15.30 32.80
C LEU A 182 -6.87 -15.88 33.35
N SER A 183 -6.79 -17.10 33.90
CA SER A 183 -7.94 -17.73 34.54
C SER A 183 -8.47 -16.85 35.65
N SER A 184 -7.57 -16.31 36.46
CA SER A 184 -7.91 -15.26 37.41
C SER A 184 -6.74 -14.30 37.51
N GLY A 185 -7.01 -13.10 37.97
CA GLY A 185 -5.96 -12.12 38.14
C GLY A 185 -5.58 -11.44 36.84
N SER A 186 -4.56 -10.59 36.94
CA SER A 186 -4.14 -9.74 35.83
C SER A 186 -2.65 -9.89 35.60
N PHE A 187 -2.25 -9.79 34.33
CA PHE A 187 -0.81 -9.79 34.01
C PHE A 187 -0.08 -8.65 34.71
N GLY A 188 -0.78 -7.58 35.07
CA GLY A 188 -0.12 -6.49 35.78
C GLY A 188 0.43 -6.90 37.13
N ASP A 189 -0.05 -8.01 37.67
CA ASP A 189 0.40 -8.53 38.95
C ASP A 189 1.28 -9.76 38.83
N ALA A 190 1.61 -10.18 37.60
CA ALA A 190 2.46 -11.35 37.42
C ALA A 190 3.84 -11.12 38.02
N THR A 191 4.39 -12.18 38.60
CA THR A 191 5.74 -12.15 39.13
C THR A 191 6.68 -13.15 38.46
N GLY A 192 6.17 -13.99 37.58
CA GLY A 192 7.03 -14.90 36.84
C GLY A 192 6.22 -15.83 35.97
N PHE A 193 6.94 -16.56 35.12
CA PHE A 193 6.33 -17.50 34.19
C PHE A 193 7.12 -18.79 34.18
N THR A 194 6.41 -19.91 34.13
CA THR A 194 7.03 -21.23 34.01
C THR A 194 6.15 -22.12 33.14
N VAL A 195 6.75 -23.20 32.65
CA VAL A 195 6.03 -24.20 31.85
C VAL A 195 6.03 -25.51 32.64
N GLN A 196 4.83 -25.97 33.01
CA GLN A 196 4.66 -27.15 33.84
C GLN A 196 3.77 -28.14 33.11
N ASP A 197 4.28 -29.34 32.85
CA ASP A 197 3.54 -30.38 32.13
C ASP A 197 2.96 -29.84 30.81
N GLY A 198 3.74 -29.02 30.12
CA GLY A 198 3.27 -28.45 28.88
C GLY A 198 2.23 -27.35 29.01
N GLN A 199 2.05 -26.79 30.20
CA GLN A 199 1.09 -25.72 30.43
C GLN A 199 1.81 -24.49 30.93
N LEU A 200 1.30 -23.31 30.56
CA LEU A 200 1.84 -22.05 31.05
C LEU A 200 1.30 -21.76 32.44
N VAL A 201 2.19 -21.44 33.37
CA VAL A 201 1.82 -21.10 34.74
C VAL A 201 2.36 -19.71 35.05
N VAL A 202 1.47 -18.80 35.41
CA VAL A 202 1.83 -17.42 35.71
C VAL A 202 1.73 -17.20 37.21
N ALA A 203 2.85 -16.81 37.83
CA ALA A 203 2.90 -16.57 39.26
C ALA A 203 2.26 -15.23 39.59
N LEU A 204 1.29 -15.26 40.49
CA LEU A 204 0.69 -14.07 41.10
C LEU A 204 1.24 -13.91 42.52
N PRO A 205 0.98 -12.77 43.18
CA PRO A 205 1.53 -12.61 44.54
C PRO A 205 1.02 -13.66 45.51
N ASP A 206 -0.28 -13.96 45.48
CA ASP A 206 -0.89 -14.85 46.45
C ASP A 206 -1.09 -16.27 45.91
N LYS A 207 -1.08 -16.45 44.59
CA LYS A 207 -1.43 -17.73 44.01
C LYS A 207 -0.74 -17.86 42.65
N SER A 208 -1.07 -18.95 41.94
CA SER A 208 -0.64 -19.15 40.57
C SER A 208 -1.87 -19.40 39.71
N THR A 209 -1.72 -19.14 38.42
CA THR A 209 -2.83 -19.25 37.50
C THR A 209 -2.29 -19.64 36.13
N GLY A 210 -3.19 -20.19 35.31
CA GLY A 210 -2.91 -20.44 33.92
C GLY A 210 -3.76 -19.52 33.05
N LEU A 211 -3.72 -19.80 31.75
CA LEU A 211 -4.53 -19.04 30.81
C LEU A 211 -5.98 -19.49 30.86
N ALA A 212 -6.90 -18.54 30.71
CA ALA A 212 -8.31 -18.89 30.58
C ALA A 212 -8.53 -19.82 29.39
N ASN A 213 -7.72 -19.68 28.34
CA ASN A 213 -7.72 -20.58 27.19
C ASN A 213 -6.29 -21.08 27.02
N PRO A 214 -5.96 -22.24 27.58
CA PRO A 214 -4.59 -22.73 27.49
C PRO A 214 -4.10 -22.94 26.07
N GLY A 215 -5.02 -23.06 25.10
CA GLY A 215 -4.62 -23.16 23.70
C GLY A 215 -3.95 -21.91 23.16
N GLN A 216 -4.02 -20.79 23.89
CA GLN A 216 -3.29 -19.59 23.47
C GLN A 216 -1.82 -19.63 23.82
N PHE A 217 -1.37 -20.63 24.56
CA PHE A 217 0.05 -20.82 24.84
C PHE A 217 0.67 -21.54 23.64
N ALA A 218 1.55 -20.86 22.91
CA ALA A 218 2.10 -21.39 21.67
C ALA A 218 3.52 -21.91 21.79
N GLY A 219 4.26 -21.50 22.80
CA GLY A 219 5.61 -21.99 22.98
C GLY A 219 6.42 -21.08 23.87
N TYR A 220 7.71 -21.36 23.93
CA TYR A 220 8.64 -20.63 24.78
C TYR A 220 10.04 -20.85 24.24
N THR A 221 10.97 -20.07 24.80
CA THR A 221 12.39 -20.26 24.57
C THR A 221 13.09 -20.43 25.92
N GLY A 222 14.25 -21.08 25.90
CA GLY A 222 14.97 -21.34 27.12
C GLY A 222 14.39 -22.53 27.88
N ALA A 223 14.84 -22.65 29.13
CA ALA A 223 14.42 -23.76 29.97
C ALA A 223 12.95 -23.61 30.34
N ALA A 224 12.21 -24.72 30.25
CA ALA A 224 10.82 -24.69 30.69
C ALA A 224 10.69 -24.26 32.14
N GLU A 225 11.75 -24.44 32.93
CA GLU A 225 11.72 -24.04 34.33
C GLU A 225 11.67 -22.52 34.47
N SER A 226 12.51 -21.81 33.72
CA SER A 226 12.48 -20.36 33.67
C SER A 226 12.71 -19.95 32.22
N PRO A 227 11.65 -19.82 31.44
CA PRO A 227 11.82 -19.53 30.01
C PRO A 227 12.37 -18.13 29.81
N THR A 228 13.21 -17.97 28.79
CA THR A 228 13.66 -16.65 28.39
C THR A 228 12.59 -15.87 27.64
N SER A 229 11.54 -16.55 27.18
CA SER A 229 10.42 -15.87 26.55
C SER A 229 9.24 -16.82 26.51
N VAL A 230 8.05 -16.24 26.42
CA VAL A 230 6.80 -16.98 26.34
C VAL A 230 6.07 -16.53 25.08
N LEU A 231 5.67 -17.49 24.26
CA LEU A 231 5.01 -17.22 23.00
C LEU A 231 3.53 -17.51 23.14
N LEU A 232 2.70 -16.53 22.81
CA LEU A 232 1.25 -16.66 22.86
C LEU A 232 0.68 -16.44 21.46
N ILE A 233 -0.56 -16.87 21.27
CA ILE A 233 -1.26 -16.66 20.02
C ILE A 233 -2.69 -16.22 20.32
N ASN A 234 -3.18 -15.26 19.55
CA ASN A 234 -4.54 -14.77 19.65
C ASN A 234 -4.96 -14.29 18.26
N HIS A 235 -6.14 -14.73 17.81
CA HIS A 235 -6.67 -14.41 16.50
C HIS A 235 -5.64 -14.69 15.40
N GLY A 236 -4.85 -15.75 15.59
CA GLY A 236 -3.88 -16.17 14.62
C GLY A 236 -2.58 -15.39 14.60
N LEU A 237 -2.43 -14.37 15.45
CA LEU A 237 -1.24 -13.54 15.51
C LEU A 237 -0.47 -13.85 16.79
N HIS A 238 0.85 -13.86 16.69
CA HIS A 238 1.70 -14.24 17.81
C HIS A 238 2.10 -13.03 18.64
N ILE A 239 2.23 -13.28 19.94
CA ILE A 239 2.68 -12.32 20.93
C ILE A 239 3.80 -13.01 21.70
N GLU A 240 4.93 -12.33 21.87
CA GLU A 240 6.06 -12.91 22.60
C GLU A 240 6.46 -12.01 23.76
N ILE A 241 6.39 -12.56 24.97
CA ILE A 241 6.85 -11.86 26.16
C ILE A 241 8.30 -12.20 26.38
N LEU A 242 9.19 -11.21 26.31
CA LEU A 242 10.62 -11.42 26.54
C LEU A 242 10.96 -11.22 28.01
N ILE A 243 11.58 -12.22 28.61
CA ILE A 243 11.87 -12.22 30.04
C ILE A 243 13.38 -12.07 30.23
N ASP A 244 13.79 -10.96 30.82
CA ASP A 244 15.20 -10.75 31.12
C ASP A 244 15.32 -9.75 32.25
N PRO A 245 15.40 -10.23 33.50
CA PRO A 245 15.51 -9.32 34.65
C PRO A 245 16.79 -8.51 34.68
N GLU A 246 17.79 -8.87 33.89
CA GLU A 246 19.02 -8.11 33.85
C GLU A 246 18.96 -6.93 32.90
N SER A 247 17.91 -6.81 32.09
CA SER A 247 17.84 -5.73 31.14
C SER A 247 17.45 -4.42 31.84
N GLN A 248 17.68 -3.32 31.12
CA GLN A 248 17.35 -2.00 31.65
CA GLN A 248 17.35 -2.00 31.64
C GLN A 248 15.87 -1.92 32.05
N VAL A 249 14.98 -2.45 31.22
CA VAL A 249 13.55 -2.43 31.52
C VAL A 249 13.18 -3.58 32.45
N GLY A 250 13.74 -4.77 32.23
CA GLY A 250 13.38 -5.92 33.05
C GLY A 250 13.76 -5.75 34.50
N THR A 251 14.81 -4.96 34.78
CA THR A 251 15.18 -4.69 36.17
C THR A 251 14.08 -3.98 36.92
N THR A 252 13.30 -3.14 36.24
CA THR A 252 12.22 -2.39 36.88
C THR A 252 10.90 -3.16 36.93
N ASP A 253 10.81 -4.30 36.27
CA ASP A 253 9.52 -4.95 36.01
C ASP A 253 9.21 -6.00 37.07
N ARG A 254 7.95 -6.06 37.51
CA ARG A 254 7.56 -6.98 38.57
C ARG A 254 7.74 -8.44 38.19
N ALA A 255 7.81 -8.76 36.90
CA ALA A 255 8.06 -10.12 36.47
C ALA A 255 9.34 -10.23 35.63
N GLY A 256 10.16 -9.19 35.60
CA GLY A 256 11.37 -9.22 34.81
C GLY A 256 11.16 -9.12 33.33
N VAL A 257 9.96 -8.70 32.89
CA VAL A 257 9.68 -8.61 31.46
C VAL A 257 10.47 -7.47 30.84
N LYS A 258 11.13 -7.76 29.73
CA LYS A 258 11.94 -6.77 29.02
C LYS A 258 11.18 -6.07 27.91
N ASP A 259 10.25 -6.77 27.26
CA ASP A 259 9.54 -6.24 26.11
C ASP A 259 8.40 -7.20 25.79
N VAL A 260 7.49 -6.72 24.95
CA VAL A 260 6.45 -7.54 24.35
C VAL A 260 6.59 -7.36 22.85
N ILE A 261 6.84 -8.45 22.13
CA ILE A 261 7.05 -8.43 20.69
C ILE A 261 5.77 -8.89 20.03
N LEU A 262 5.29 -8.13 19.04
CA LEU A 262 4.08 -8.47 18.32
C LEU A 262 4.45 -8.89 16.90
N GLU A 263 3.83 -9.97 16.43
CA GLU A 263 3.77 -10.22 15.00
C GLU A 263 2.98 -9.10 14.36
N SER A 264 3.63 -8.38 13.43
CA SER A 264 3.14 -7.07 12.99
C SER A 264 2.82 -7.02 11.50
N ALA A 265 3.83 -6.77 10.68
CA ALA A 265 3.62 -6.70 9.24
C ALA A 265 3.63 -8.13 8.71
N ILE A 266 2.43 -8.71 8.59
CA ILE A 266 2.30 -10.09 8.13
C ILE A 266 2.76 -10.22 6.68
N THR A 267 2.33 -9.28 5.85
CA THR A 267 2.76 -9.18 4.45
C THR A 267 3.27 -7.77 4.21
N THR A 268 4.13 -7.63 3.20
CA THR A 268 4.68 -6.35 2.81
C THR A 268 4.62 -6.25 1.30
N ILE A 269 4.24 -5.07 0.81
CA ILE A 269 4.18 -4.78 -0.62
C ILE A 269 5.42 -3.95 -0.95
N MET A 270 6.32 -4.53 -1.74
CA MET A 270 7.48 -3.80 -2.24
C MET A 270 7.03 -3.07 -3.51
N ASP A 271 7.07 -1.74 -3.47
CA ASP A 271 6.33 -0.89 -4.40
C ASP A 271 7.21 -0.36 -5.53
N PHE A 272 6.83 -0.65 -6.78
CA PHE A 272 7.40 0.00 -7.95
C PHE A 272 6.52 1.13 -8.44
N GLU A 273 5.36 1.34 -7.82
CA GLU A 273 4.38 2.28 -8.34
C GLU A 273 4.39 3.61 -7.60
N ASP A 274 3.30 3.93 -6.90
CA ASP A 274 3.06 5.32 -6.52
C ASP A 274 4.01 5.88 -5.46
N SER A 275 4.78 5.05 -4.76
CA SER A 275 5.71 5.57 -3.77
C SER A 275 7.15 5.67 -4.30
N VAL A 276 7.41 5.41 -5.58
CA VAL A 276 8.75 5.54 -6.14
C VAL A 276 8.74 6.42 -7.38
N ALA A 277 9.90 6.99 -7.66
CA ALA A 277 10.12 7.83 -8.84
C ALA A 277 11.15 7.12 -9.69
N ALA A 278 10.71 6.56 -10.82
CA ALA A 278 11.60 5.78 -11.67
C ALA A 278 11.22 6.05 -13.11
N VAL A 279 12.06 6.80 -13.82
CA VAL A 279 11.67 7.39 -15.09
C VAL A 279 12.52 6.89 -16.25
N ASP A 280 13.47 6.00 -15.99
CA ASP A 280 14.35 5.49 -17.05
C ASP A 280 14.91 4.16 -16.63
N ALA A 281 15.79 3.60 -17.47
CA ALA A 281 16.34 2.28 -17.19
C ALA A 281 17.19 2.29 -15.92
N ALA A 282 17.97 3.34 -15.72
CA ALA A 282 18.81 3.41 -14.53
C ALA A 282 17.97 3.30 -13.26
N ASP A 283 16.88 4.07 -13.20
CA ASP A 283 15.98 4.00 -12.04
C ASP A 283 15.34 2.63 -11.91
N LYS A 284 14.83 2.07 -13.02
CA LYS A 284 14.16 0.77 -12.95
C LYS A 284 15.13 -0.30 -12.47
N VAL A 285 16.38 -0.25 -12.93
CA VAL A 285 17.37 -1.25 -12.53
C VAL A 285 17.65 -1.17 -11.04
N LEU A 286 17.71 0.05 -10.48
CA LEU A 286 17.89 0.20 -9.03
C LEU A 286 16.77 -0.51 -8.29
N GLY A 287 15.53 -0.32 -8.76
CA GLY A 287 14.41 -0.99 -8.13
C GLY A 287 14.46 -2.51 -8.33
N TYR A 288 14.71 -2.94 -9.57
CA TYR A 288 14.77 -4.37 -9.83
C TYR A 288 15.87 -5.05 -9.01
N ARG A 289 17.01 -4.37 -8.84
CA ARG A 289 18.11 -4.97 -8.09
C ARG A 289 17.74 -5.14 -6.61
N ASN A 290 16.99 -4.19 -6.05
CA ASN A 290 16.57 -4.36 -4.66
C ASN A 290 15.56 -5.50 -4.53
N TRP A 291 14.62 -5.58 -5.46
CA TRP A 291 13.67 -6.68 -5.47
C TRP A 291 14.40 -8.02 -5.63
N LEU A 292 15.47 -8.04 -6.43
CA LEU A 292 16.29 -9.24 -6.56
C LEU A 292 16.96 -9.61 -5.24
N GLY A 293 17.61 -8.63 -4.60
CA GLY A 293 18.25 -8.89 -3.32
C GLY A 293 17.28 -9.37 -2.26
N LEU A 294 16.05 -8.85 -2.26
CA LEU A 294 15.05 -9.34 -1.33
C LEU A 294 14.72 -10.81 -1.60
N ASN A 295 14.58 -11.19 -2.87
CA ASN A 295 14.15 -12.56 -3.17
C ASN A 295 15.30 -13.56 -3.04
N LYS A 296 16.53 -13.13 -3.35
CA LYS A 296 17.68 -13.99 -3.10
C LYS A 296 18.07 -14.02 -1.64
N GLY A 297 17.58 -13.07 -0.84
CA GLY A 297 17.86 -13.04 0.59
C GLY A 297 19.16 -12.39 0.97
N ASP A 298 19.89 -11.79 0.03
CA ASP A 298 21.21 -11.24 0.29
C ASP A 298 21.24 -9.71 0.23
N LEU A 299 20.09 -9.05 0.15
CA LEU A 299 20.08 -7.59 0.18
C LEU A 299 20.68 -7.12 1.50
N ALA A 300 21.62 -6.18 1.42
CA ALA A 300 22.30 -5.71 2.62
C ALA A 300 22.61 -4.23 2.46
N ALA A 301 22.31 -3.45 3.50
CA ALA A 301 22.61 -2.03 3.53
C ALA A 301 23.52 -1.70 4.72
N ARG A 312 23.13 -3.74 7.45
CA ARG A 312 21.93 -4.44 7.92
C ARG A 312 21.40 -5.44 6.90
N VAL A 313 20.77 -6.52 7.39
CA VAL A 313 20.43 -7.69 6.59
C VAL A 313 19.04 -8.20 6.95
N LEU A 314 18.57 -9.15 6.15
CA LEU A 314 17.28 -9.78 6.39
C LEU A 314 17.35 -10.74 7.56
N ASN A 315 16.25 -10.85 8.30
CA ASN A 315 16.19 -11.70 9.47
C ASN A 315 15.94 -13.15 9.10
N ARG A 316 16.44 -14.05 9.94
CA ARG A 316 16.18 -15.47 9.83
C ARG A 316 14.88 -15.82 10.54
N ASP A 317 14.40 -17.04 10.30
CA ASP A 317 13.20 -17.50 10.99
C ASP A 317 13.48 -17.67 12.48
N ARG A 318 12.40 -17.72 13.26
CA ARG A 318 12.49 -17.70 14.72
C ARG A 318 12.24 -19.10 15.27
N ASN A 319 13.10 -19.54 16.19
CA ASN A 319 13.02 -20.89 16.75
C ASN A 319 12.32 -20.88 18.10
N TYR A 320 11.44 -21.86 18.30
CA TYR A 320 10.69 -21.98 19.54
C TYR A 320 10.60 -23.44 19.96
N THR A 321 10.41 -23.64 21.25
CA THR A 321 10.03 -24.92 21.79
C THR A 321 8.52 -24.96 21.96
N ALA A 322 7.89 -26.03 21.49
CA ALA A 322 6.47 -26.18 21.62
C ALA A 322 6.07 -26.40 23.09
N PRO A 323 4.80 -26.16 23.44
CA PRO A 323 4.37 -26.40 24.83
C PRO A 323 4.67 -27.81 25.33
N GLY A 324 4.35 -28.83 24.52
CA GLY A 324 4.65 -30.20 24.90
C GLY A 324 6.12 -30.54 24.92
N GLY A 325 6.95 -29.76 24.25
CA GLY A 325 8.38 -29.96 24.34
C GLY A 325 9.09 -30.05 23.00
N GLY A 326 8.33 -30.34 21.94
CA GLY A 326 8.91 -30.39 20.61
C GLY A 326 9.42 -29.04 20.13
N GLN A 327 10.12 -29.07 19.01
CA GLN A 327 10.69 -27.88 18.38
C GLN A 327 9.83 -27.41 17.22
N PHE A 328 9.87 -26.11 16.95
CA PHE A 328 9.23 -25.56 15.76
C PHE A 328 9.84 -24.21 15.43
N THR A 329 9.42 -23.68 14.28
CA THR A 329 9.96 -22.45 13.75
C THR A 329 8.80 -21.61 13.23
N LEU A 330 8.98 -20.28 13.24
CA LEU A 330 8.00 -19.34 12.72
C LEU A 330 8.67 -18.40 11.74
N PRO A 331 7.94 -17.95 10.71
CA PRO A 331 8.53 -17.04 9.72
C PRO A 331 9.07 -15.77 10.38
N GLY A 332 10.30 -15.42 10.02
CA GLY A 332 10.93 -14.22 10.53
C GLY A 332 10.76 -12.99 9.67
N ARG A 333 10.25 -13.14 8.45
CA ARG A 333 10.12 -12.04 7.51
C ARG A 333 8.68 -11.91 7.07
N SER A 334 8.33 -10.70 6.65
CA SER A 334 7.03 -10.47 6.05
CA SER A 334 7.02 -10.48 6.05
C SER A 334 6.95 -11.18 4.70
N LEU A 335 5.80 -11.79 4.42
CA LEU A 335 5.60 -12.36 3.08
C LEU A 335 5.50 -11.22 2.07
N MET A 336 6.27 -11.30 0.98
CA MET A 336 6.40 -10.17 0.06
C MET A 336 5.48 -10.28 -1.15
N PHE A 337 4.72 -9.21 -1.39
CA PHE A 337 4.14 -8.86 -2.68
C PHE A 337 5.06 -7.86 -3.37
N VAL A 338 4.89 -7.70 -4.69
CA VAL A 338 5.45 -6.57 -5.42
C VAL A 338 4.32 -5.82 -6.12
N ARG A 339 4.32 -4.49 -6.01
CA ARG A 339 3.33 -3.68 -6.74
C ARG A 339 3.97 -3.22 -8.04
N ASN A 340 3.51 -3.82 -9.14
CA ASN A 340 3.91 -3.39 -10.47
C ASN A 340 3.19 -2.07 -10.83
N VAL A 341 3.71 -1.37 -11.84
CA VAL A 341 2.93 -0.24 -12.36
C VAL A 341 1.71 -0.76 -13.14
N GLY A 342 0.74 0.13 -13.35
CA GLY A 342 -0.48 -0.17 -14.06
C GLY A 342 -0.33 0.00 -15.56
N HIS A 343 -1.47 0.02 -16.26
CA HIS A 343 -1.50 -0.09 -17.71
C HIS A 343 -1.12 1.20 -18.45
N LEU A 344 -1.00 2.35 -17.77
CA LEU A 344 -0.91 3.62 -18.49
C LEU A 344 0.44 3.84 -19.17
N MET A 345 1.52 3.80 -18.39
CA MET A 345 2.73 4.50 -18.78
C MET A 345 3.63 3.65 -19.66
N THR A 346 4.43 4.33 -20.47
CA THR A 346 5.56 3.71 -21.14
C THR A 346 6.84 4.19 -20.50
N ASN A 347 7.94 3.51 -20.83
CA ASN A 347 9.24 3.83 -20.26
C ASN A 347 10.27 3.57 -21.34
N ASP A 348 11.22 4.48 -21.48
CA ASP A 348 12.20 4.33 -22.54
C ASP A 348 13.34 3.38 -22.18
N ALA A 349 13.22 2.65 -21.06
CA ALA A 349 14.15 1.55 -20.81
C ALA A 349 14.20 0.60 -21.98
N ILE A 350 13.08 0.46 -22.69
CA ILE A 350 13.03 -0.24 -23.97
C ILE A 350 12.26 0.62 -24.96
N VAL A 351 12.81 0.76 -26.16
CA VAL A 351 12.10 1.43 -27.24
C VAL A 351 12.10 0.50 -28.45
N ASP A 352 11.14 0.71 -29.34
CA ASP A 352 11.11 -0.11 -30.55
C ASP A 352 11.90 0.58 -31.66
N THR A 353 11.87 -0.01 -32.86
CA THR A 353 12.64 0.53 -33.97
CA THR A 353 12.65 0.54 -33.97
C THR A 353 12.16 1.93 -34.36
N ASP A 354 10.89 2.24 -34.11
CA ASP A 354 10.36 3.57 -34.40
C ASP A 354 10.73 4.59 -33.33
N GLY A 355 11.39 4.18 -32.25
CA GLY A 355 11.64 5.06 -31.13
C GLY A 355 10.54 5.10 -30.09
N SER A 356 9.47 4.33 -30.29
CA SER A 356 8.36 4.33 -29.35
C SER A 356 8.74 3.60 -28.07
N GLU A 357 8.35 4.19 -26.94
CA GLU A 357 8.62 3.55 -25.66
C GLU A 357 7.69 2.35 -25.44
N VAL A 358 8.20 1.36 -24.70
CA VAL A 358 7.43 0.15 -24.41
C VAL A 358 6.61 0.38 -23.15
N PHE A 359 5.43 -0.25 -23.11
CA PHE A 359 4.56 -0.18 -21.94
C PHE A 359 5.27 -0.70 -20.70
N GLU A 360 5.24 0.10 -19.63
CA GLU A 360 6.01 -0.20 -18.43
C GLU A 360 5.41 -1.35 -17.64
N GLY A 361 4.08 -1.46 -17.61
CA GLY A 361 3.46 -2.57 -16.90
C GLY A 361 3.81 -3.91 -17.51
N ILE A 362 3.92 -3.96 -18.83
CA ILE A 362 4.34 -5.19 -19.50
C ILE A 362 5.76 -5.55 -19.06
N MET A 363 6.65 -4.56 -19.04
CA MET A 363 8.02 -4.80 -18.58
C MET A 363 8.05 -5.25 -17.13
N ASP A 364 7.25 -4.61 -16.25
CA ASP A 364 7.28 -4.99 -14.85
C ASP A 364 6.85 -6.45 -14.67
N ALA A 365 5.82 -6.88 -15.41
CA ALA A 365 5.38 -8.26 -15.30
C ALA A 365 6.51 -9.22 -15.67
N LEU A 366 7.22 -8.92 -16.77
CA LEU A 366 8.33 -9.78 -17.19
C LEU A 366 9.47 -9.75 -16.17
N PHE A 367 9.90 -8.57 -15.75
CA PHE A 367 11.11 -8.48 -14.94
C PHE A 367 10.85 -8.77 -13.46
N THR A 368 9.80 -8.20 -12.86
CA THR A 368 9.53 -8.59 -11.47
C THR A 368 9.12 -10.04 -11.37
N GLY A 369 8.46 -10.57 -12.40
CA GLY A 369 8.13 -12.00 -12.40
C GLY A 369 9.37 -12.88 -12.47
N LEU A 370 10.29 -12.54 -13.38
CA LEU A 370 11.55 -13.27 -13.48
C LEU A 370 12.26 -13.28 -12.15
N ILE A 371 12.39 -12.09 -11.55
CA ILE A 371 13.16 -11.94 -10.32
C ILE A 371 12.51 -12.71 -9.18
N ALA A 372 11.18 -12.76 -9.15
CA ALA A 372 10.48 -13.44 -8.06
C ALA A 372 10.74 -14.94 -8.02
N ILE A 373 11.22 -15.51 -9.13
CA ILE A 373 11.56 -16.93 -9.11
C ILE A 373 12.57 -17.24 -8.01
N HIS A 374 13.49 -16.30 -7.76
CA HIS A 374 14.51 -16.52 -6.74
C HIS A 374 13.90 -16.66 -5.35
N GLY A 375 12.78 -16.01 -5.10
CA GLY A 375 12.12 -16.14 -3.81
C GLY A 375 11.39 -17.46 -3.62
N LEU A 376 11.31 -18.27 -4.67
CA LEU A 376 10.72 -19.60 -4.60
C LEU A 376 11.76 -20.68 -4.40
N LYS A 377 13.03 -20.31 -4.20
CA LYS A 377 14.12 -21.27 -4.11
C LYS A 377 15.09 -20.86 -3.01
N ALA A 378 15.91 -21.85 -2.61
CA ALA A 378 16.81 -21.69 -1.48
C ALA A 378 17.74 -20.51 -1.67
N SER A 379 18.00 -19.80 -0.57
CA SER A 379 18.83 -18.61 -0.57
C SER A 379 20.18 -18.95 0.06
N ASP A 380 21.26 -18.82 -0.72
CA ASP A 380 22.60 -19.02 -0.19
C ASP A 380 23.05 -17.85 0.67
N GLY A 383 19.08 -19.56 4.45
CA GLY A 383 19.15 -20.91 3.90
C GLY A 383 17.90 -21.31 3.16
N PRO A 384 16.81 -21.54 3.91
CA PRO A 384 15.52 -21.81 3.27
C PRO A 384 15.11 -20.71 2.30
N LEU A 385 14.25 -21.04 1.35
CA LEU A 385 13.76 -20.07 0.39
C LEU A 385 13.12 -18.89 1.11
N ILE A 386 13.21 -17.71 0.48
CA ILE A 386 12.88 -16.48 1.17
C ILE A 386 11.38 -16.28 1.30
N ASN A 387 10.61 -16.56 0.24
CA ASN A 387 9.23 -16.09 0.18
C ASN A 387 8.18 -17.21 0.22
N SER A 388 7.50 -17.46 -0.91
CA SER A 388 6.31 -18.30 -0.91
C SER A 388 6.68 -19.79 -0.87
N ARG A 389 6.33 -20.47 0.22
CA ARG A 389 6.58 -21.91 0.28
C ARG A 389 5.58 -22.70 -0.56
N THR A 390 4.41 -22.14 -0.84
CA THR A 390 3.40 -22.79 -1.64
C THR A 390 3.58 -22.58 -3.15
N GLY A 391 4.55 -21.77 -3.56
CA GLY A 391 4.88 -21.66 -4.96
C GLY A 391 4.20 -20.54 -5.73
N SER A 392 3.76 -19.48 -5.07
CA SER A 392 3.12 -18.36 -5.75
C SER A 392 4.04 -17.15 -5.81
N ILE A 393 3.82 -16.33 -6.84
CA ILE A 393 4.39 -15.00 -6.96
C ILE A 393 3.24 -14.01 -6.83
N TYR A 394 3.39 -13.03 -5.96
CA TYR A 394 2.27 -12.16 -5.57
C TYR A 394 2.48 -10.75 -6.12
N ILE A 395 1.64 -10.36 -7.07
CA ILE A 395 1.79 -9.07 -7.77
C ILE A 395 0.54 -8.23 -7.55
N VAL A 396 0.73 -7.03 -6.98
CA VAL A 396 -0.36 -6.06 -6.88
C VAL A 396 -0.42 -5.30 -8.20
N LYS A 397 -1.60 -5.28 -8.81
CA LYS A 397 -1.80 -4.58 -10.07
C LYS A 397 -2.69 -3.39 -9.81
N PRO A 398 -2.16 -2.17 -9.85
CA PRO A 398 -2.94 -0.99 -9.50
C PRO A 398 -3.63 -0.36 -10.72
N LYS A 399 -4.57 0.53 -10.42
CA LYS A 399 -5.13 1.48 -11.36
C LYS A 399 -5.83 0.83 -12.56
N MET A 400 -6.44 -0.33 -12.36
CA MET A 400 -7.22 -0.93 -13.42
C MET A 400 -8.62 -0.34 -13.47
N HIS A 401 -9.16 -0.22 -14.68
CA HIS A 401 -10.49 0.34 -14.94
C HIS A 401 -11.35 -0.76 -15.58
N GLY A 402 -12.07 -1.53 -14.77
CA GLY A 402 -13.06 -2.45 -15.29
C GLY A 402 -12.55 -3.84 -15.64
N PRO A 403 -13.48 -4.76 -15.92
CA PRO A 403 -13.08 -6.18 -16.02
C PRO A 403 -12.27 -6.53 -17.26
N ALA A 404 -12.41 -5.80 -18.38
CA ALA A 404 -11.56 -6.11 -19.52
C ALA A 404 -10.10 -5.81 -19.19
N GLU A 405 -9.85 -4.79 -18.38
CA GLU A 405 -8.48 -4.49 -17.99
C GLU A 405 -7.92 -5.54 -17.05
N VAL A 406 -8.78 -6.12 -16.19
CA VAL A 406 -8.35 -7.24 -15.37
C VAL A 406 -8.03 -8.45 -16.23
N ALA A 407 -8.90 -8.76 -17.19
CA ALA A 407 -8.64 -9.89 -18.08
C ALA A 407 -7.31 -9.71 -18.80
N PHE A 408 -6.99 -8.47 -19.19
CA PHE A 408 -5.73 -8.22 -19.87
C PHE A 408 -4.53 -8.51 -18.96
N THR A 409 -4.60 -8.07 -17.70
CA THR A 409 -3.53 -8.42 -16.76
C THR A 409 -3.35 -9.93 -16.67
N CYS A 410 -4.46 -10.66 -16.62
CA CYS A 410 -4.40 -12.12 -16.54
C CYS A 410 -3.73 -12.70 -17.77
N GLU A 411 -4.06 -12.19 -18.96
CA GLU A 411 -3.44 -12.69 -20.17
C GLU A 411 -1.95 -12.36 -20.19
N LEU A 412 -1.59 -11.16 -19.75
CA LEU A 412 -0.18 -10.77 -19.64
C LEU A 412 0.57 -11.71 -18.70
N PHE A 413 -0.04 -12.01 -17.54
CA PHE A 413 0.62 -12.91 -16.59
C PHE A 413 0.76 -14.31 -17.18
N SER A 414 -0.27 -14.78 -17.88
CA SER A 414 -0.21 -16.09 -18.53
C SER A 414 0.92 -16.14 -19.56
N ARG A 415 1.05 -15.10 -20.37
CA ARG A 415 2.12 -15.08 -21.37
C ARG A 415 3.48 -14.98 -20.72
N VAL A 416 3.57 -14.26 -19.60
CA VAL A 416 4.86 -14.16 -18.91
C VAL A 416 5.24 -15.51 -18.31
N GLU A 417 4.27 -16.18 -17.67
CA GLU A 417 4.52 -17.51 -17.14
C GLU A 417 5.11 -18.44 -18.20
N ASP A 418 4.60 -18.37 -19.42
CA ASP A 418 5.11 -19.20 -20.50
CA ASP A 418 5.12 -19.21 -20.50
C ASP A 418 6.56 -18.85 -20.83
N VAL A 419 6.88 -17.56 -20.90
CA VAL A 419 8.26 -17.14 -21.16
C VAL A 419 9.20 -17.65 -20.06
N LEU A 420 8.76 -17.56 -18.80
CA LEU A 420 9.57 -17.93 -17.65
C LEU A 420 9.57 -19.42 -17.36
N GLY A 421 8.76 -20.19 -18.07
CA GLY A 421 8.65 -21.62 -17.80
C GLY A 421 7.97 -21.94 -16.50
N LEU A 422 7.13 -21.04 -16.00
CA LEU A 422 6.43 -21.30 -14.75
C LEU A 422 5.09 -21.97 -15.01
N PRO A 423 4.60 -22.73 -14.03
CA PRO A 423 3.23 -23.24 -14.12
C PRO A 423 2.26 -22.08 -14.35
N GLN A 424 1.21 -22.34 -15.13
CA GLN A 424 0.15 -21.36 -15.28
C GLN A 424 -0.45 -21.04 -13.91
N ASN A 425 -0.80 -19.77 -13.70
CA ASN A 425 -1.39 -19.26 -12.45
C ASN A 425 -0.41 -19.14 -11.29
N THR A 426 0.90 -19.28 -11.54
CA THR A 426 1.88 -18.97 -10.50
C THR A 426 1.79 -17.51 -10.06
N MET A 427 1.65 -16.61 -11.03
CA MET A 427 1.61 -15.17 -10.77
C MET A 427 0.20 -14.78 -10.34
N LYS A 428 0.04 -14.48 -9.05
CA LYS A 428 -1.23 -14.11 -8.46
C LYS A 428 -1.38 -12.60 -8.49
N ILE A 429 -2.64 -12.14 -8.39
CA ILE A 429 -2.99 -10.72 -8.57
C ILE A 429 -3.65 -10.20 -7.31
N GLY A 430 -3.04 -9.17 -6.72
CA GLY A 430 -3.77 -8.37 -5.75
C GLY A 430 -4.41 -7.21 -6.48
N ILE A 431 -5.74 -7.19 -6.53
CA ILE A 431 -6.48 -6.20 -7.31
C ILE A 431 -6.70 -4.96 -6.44
N MET A 432 -6.18 -3.82 -6.86
CA MET A 432 -6.57 -2.55 -6.28
C MET A 432 -7.93 -2.17 -6.82
N ASP A 433 -8.86 -1.86 -5.92
CA ASP A 433 -10.16 -1.27 -6.28
C ASP A 433 -9.97 0.21 -6.01
N GLU A 434 -9.50 0.95 -7.04
CA GLU A 434 -9.10 2.33 -6.82
C GLU A 434 -9.47 3.22 -8.01
N GLU A 435 -10.38 2.74 -8.86
CA GLU A 435 -10.89 3.46 -10.03
C GLU A 435 -12.38 3.16 -10.14
N ARG A 436 -13.15 4.20 -10.45
CA ARG A 436 -14.61 4.11 -10.41
C ARG A 436 -15.15 3.01 -11.31
N ARG A 437 -14.56 2.83 -12.50
CA ARG A 437 -15.07 1.80 -13.39
C ARG A 437 -14.81 0.39 -12.86
N THR A 438 -13.82 0.22 -11.97
CA THR A 438 -13.67 -1.04 -11.26
C THR A 438 -14.69 -1.17 -10.12
N THR A 439 -14.81 -0.14 -9.28
CA THR A 439 -15.78 -0.14 -8.19
C THR A 439 -17.16 -0.61 -8.66
N VAL A 440 -17.70 0.02 -9.69
CA VAL A 440 -19.08 -0.26 -10.13
C VAL A 440 -19.19 -1.56 -10.91
N ASN A 441 -18.08 -2.20 -11.28
CA ASN A 441 -18.08 -3.50 -11.94
C ASN A 441 -17.26 -4.50 -11.15
N LEU A 442 -17.24 -4.36 -9.82
CA LEU A 442 -16.23 -5.07 -9.02
C LEU A 442 -16.41 -6.58 -9.10
N LYS A 443 -17.65 -7.06 -9.02
CA LYS A 443 -17.89 -8.50 -9.09
C LYS A 443 -17.34 -9.08 -10.38
N ALA A 444 -17.56 -8.39 -11.50
CA ALA A 444 -17.01 -8.86 -12.77
C ALA A 444 -15.49 -8.79 -12.81
N CYS A 445 -14.90 -7.77 -12.20
CA CYS A 445 -13.45 -7.69 -12.09
C CYS A 445 -12.88 -8.88 -11.33
N ILE A 446 -13.50 -9.23 -10.20
CA ILE A 446 -13.07 -10.41 -9.43
C ILE A 446 -13.21 -11.67 -10.27
N LYS A 447 -14.36 -11.83 -10.94
CA LYS A 447 -14.57 -13.00 -11.77
C LYS A 447 -13.52 -13.13 -12.86
N ALA A 448 -13.13 -12.00 -13.47
CA ALA A 448 -12.12 -12.05 -14.54
C ALA A 448 -10.78 -12.58 -14.05
N ALA A 449 -10.51 -12.50 -12.75
CA ALA A 449 -9.29 -13.03 -12.16
C ALA A 449 -9.59 -14.13 -11.14
N ALA A 450 -10.67 -14.87 -11.34
CA ALA A 450 -11.15 -15.78 -10.30
C ALA A 450 -10.17 -16.87 -9.92
N ASP A 451 -9.21 -17.22 -10.79
CA ASP A 451 -8.19 -18.20 -10.45
C ASP A 451 -6.82 -17.59 -10.16
N ARG A 452 -6.69 -16.26 -10.14
CA ARG A 452 -5.45 -15.61 -9.77
C ARG A 452 -5.56 -14.68 -8.57
N VAL A 453 -6.78 -14.28 -8.18
CA VAL A 453 -6.90 -13.15 -7.25
C VAL A 453 -6.53 -13.57 -5.84
N VAL A 454 -5.68 -12.77 -5.20
CA VAL A 454 -5.30 -13.00 -3.82
C VAL A 454 -5.73 -11.87 -2.89
N PHE A 455 -6.19 -10.76 -3.45
CA PHE A 455 -6.78 -9.71 -2.64
C PHE A 455 -7.53 -8.73 -3.45
N ILE A 456 -8.47 -8.05 -2.78
CA ILE A 456 -8.97 -6.79 -3.27
C ILE A 456 -8.68 -5.78 -2.17
N ASN A 457 -8.45 -4.54 -2.57
CA ASN A 457 -8.10 -3.51 -1.60
C ASN A 457 -8.65 -2.17 -2.06
N THR A 458 -9.27 -1.44 -1.13
CA THR A 458 -9.81 -0.13 -1.47
C THR A 458 -8.69 0.91 -1.38
N GLY A 459 -8.06 1.19 -2.52
CA GLY A 459 -7.09 2.27 -2.61
C GLY A 459 -7.85 3.57 -2.69
N PHE A 460 -8.30 4.05 -1.52
CA PHE A 460 -9.28 5.12 -1.48
C PHE A 460 -8.75 6.47 -1.94
N LEU A 461 -7.42 6.66 -1.95
CA LEU A 461 -6.92 7.95 -2.38
C LEU A 461 -6.94 8.06 -3.89
N ASP A 462 -6.40 7.05 -4.59
CA ASP A 462 -6.59 7.01 -6.04
C ASP A 462 -8.07 7.04 -6.38
N ARG A 463 -8.88 6.35 -5.59
CA ARG A 463 -10.30 6.28 -5.91
C ARG A 463 -10.93 7.66 -5.85
N THR A 464 -10.48 8.50 -4.92
CA THR A 464 -10.98 9.88 -4.81
C THR A 464 -10.52 10.71 -5.97
N GLY A 465 -9.27 10.53 -6.39
CA GLY A 465 -8.79 11.19 -7.59
C GLY A 465 -9.63 10.86 -8.81
N ASP A 466 -9.95 9.58 -8.99
CA ASP A 466 -10.77 9.20 -10.12
C ASP A 466 -12.19 9.72 -9.99
N GLU A 467 -12.73 9.79 -8.76
CA GLU A 467 -14.07 10.33 -8.56
C GLU A 467 -14.13 11.78 -9.05
N ILE A 468 -13.12 12.57 -8.70
CA ILE A 468 -13.06 13.97 -9.13
C ILE A 468 -12.95 14.07 -10.65
N HIS A 469 -12.02 13.32 -11.24
CA HIS A 469 -11.80 13.48 -12.67
C HIS A 469 -12.99 13.00 -13.49
N THR A 470 -13.58 11.86 -13.09
CA THR A 470 -14.68 11.30 -13.88
C THR A 470 -15.82 12.31 -13.99
N SER A 471 -16.11 13.02 -12.90
CA SER A 471 -17.22 13.96 -12.87
C SER A 471 -16.76 15.41 -12.98
N MET A 472 -15.58 15.62 -13.57
CA MET A 472 -14.96 16.94 -13.58
C MET A 472 -15.91 17.99 -14.14
N GLU A 473 -16.66 17.66 -15.18
CA GLU A 473 -17.53 18.62 -15.84
C GLU A 473 -18.83 18.85 -15.08
N ALA A 474 -19.14 18.03 -14.09
CA ALA A 474 -20.47 18.09 -13.47
C ALA A 474 -20.63 19.32 -12.57
N GLY A 475 -19.54 19.86 -12.04
CA GLY A 475 -19.60 20.99 -11.15
C GLY A 475 -18.49 20.98 -10.12
N PRO A 476 -18.49 21.98 -9.23
CA PRO A 476 -17.47 22.03 -8.18
C PRO A 476 -17.68 20.91 -7.17
N MET A 477 -16.57 20.28 -6.78
CA MET A 477 -16.61 19.22 -5.78
C MET A 477 -16.40 19.77 -4.38
N VAL A 478 -16.79 18.97 -3.39
CA VAL A 478 -16.52 19.28 -2.00
C VAL A 478 -15.03 19.35 -1.71
N ARG A 479 -14.67 19.99 -0.60
CA ARG A 479 -13.27 20.09 -0.19
CA ARG A 479 -13.28 20.09 -0.19
C ARG A 479 -12.67 18.70 0.03
N LYS A 480 -11.35 18.62 -0.13
CA LYS A 480 -10.64 17.36 -0.02
C LYS A 480 -10.94 16.64 1.28
N GLY A 481 -10.94 17.38 2.40
CA GLY A 481 -11.21 16.78 3.69
C GLY A 481 -12.62 16.28 3.86
N THR A 482 -13.57 16.83 3.10
CA THR A 482 -14.95 16.34 3.14
C THR A 482 -15.10 15.01 2.42
N MET A 483 -14.16 14.66 1.53
CA MET A 483 -14.35 13.50 0.66
C MET A 483 -14.43 12.20 1.44
N LYS A 484 -13.66 12.08 2.52
CA LYS A 484 -13.60 10.80 3.20
CA LYS A 484 -13.57 10.84 3.26
C LYS A 484 -14.89 10.44 3.91
N SER A 485 -15.85 11.37 4.02
CA SER A 485 -17.15 11.08 4.63
C SER A 485 -18.31 11.17 3.63
N GLN A 486 -18.03 11.33 2.36
CA GLN A 486 -19.09 11.45 1.38
C GLN A 486 -19.78 10.11 1.15
N PRO A 487 -21.08 10.13 0.84
CA PRO A 487 -21.80 8.89 0.55
C PRO A 487 -21.11 7.94 -0.42
N TRP A 488 -20.56 8.44 -1.53
CA TRP A 488 -19.95 7.54 -2.51
C TRP A 488 -18.84 6.70 -1.90
N ILE A 489 -18.03 7.30 -1.02
CA ILE A 489 -16.87 6.59 -0.52
C ILE A 489 -17.26 5.60 0.56
N LEU A 490 -18.28 5.94 1.36
CA LEU A 490 -18.77 4.99 2.36
C LEU A 490 -19.41 3.79 1.68
N ALA A 491 -20.17 4.02 0.60
CA ALA A 491 -20.73 2.92 -0.17
C ALA A 491 -19.63 2.09 -0.83
N TYR A 492 -18.61 2.76 -1.38
CA TYR A 492 -17.52 2.06 -2.04
C TYR A 492 -16.82 1.10 -1.08
N GLU A 493 -16.58 1.54 0.17
CA GLU A 493 -15.89 0.69 1.14
C GLU A 493 -16.73 -0.54 1.49
N ASP A 494 -18.02 -0.34 1.76
CA ASP A 494 -18.90 -1.48 2.09
C ASP A 494 -19.07 -2.41 0.89
N HIS A 495 -19.28 -1.84 -0.30
CA HIS A 495 -19.43 -2.63 -1.52
C HIS A 495 -18.24 -3.54 -1.76
N ASN A 496 -17.02 -3.04 -1.50
CA ASN A 496 -15.84 -3.85 -1.71
C ASN A 496 -15.83 -5.07 -0.80
N VAL A 497 -16.10 -4.85 0.49
CA VAL A 497 -16.16 -5.98 1.42
C VAL A 497 -17.24 -6.97 0.99
N ASP A 498 -18.44 -6.46 0.66
CA ASP A 498 -19.54 -7.33 0.26
C ASP A 498 -19.15 -8.21 -0.91
N ALA A 499 -18.56 -7.61 -1.94
CA ALA A 499 -18.17 -8.37 -3.13
C ALA A 499 -17.12 -9.43 -2.82
N GLY A 500 -16.11 -9.08 -2.02
CA GLY A 500 -15.11 -10.06 -1.65
C GLY A 500 -15.71 -11.24 -0.90
N LEU A 501 -16.53 -10.96 0.12
CA LEU A 501 -17.11 -12.04 0.89
C LEU A 501 -18.05 -12.89 0.04
N ALA A 502 -18.79 -12.24 -0.86
CA ALA A 502 -19.71 -12.98 -1.73
C ALA A 502 -18.98 -13.88 -2.71
N ALA A 503 -17.75 -13.52 -3.07
CA ALA A 503 -16.89 -14.33 -3.93
C ALA A 503 -16.11 -15.38 -3.15
N GLY A 504 -16.40 -15.56 -1.86
CA GLY A 504 -15.74 -16.57 -1.06
C GLY A 504 -14.37 -16.20 -0.55
N PHE A 505 -14.10 -14.90 -0.33
CA PHE A 505 -12.76 -14.50 0.09
C PHE A 505 -12.40 -15.01 1.48
N SER A 506 -13.37 -15.18 2.38
CA SER A 506 -13.06 -15.65 3.72
C SER A 506 -12.36 -16.99 3.63
N GLY A 507 -11.16 -17.07 4.21
CA GLY A 507 -10.34 -18.26 4.16
C GLY A 507 -9.60 -18.48 2.86
N ARG A 508 -9.72 -17.58 1.88
CA ARG A 508 -9.14 -17.79 0.55
C ARG A 508 -8.32 -16.61 0.04
N ALA A 509 -8.69 -15.38 0.41
CA ALA A 509 -8.01 -14.20 -0.10
C ALA A 509 -8.26 -13.04 0.84
N GLN A 510 -7.40 -12.01 0.74
CA GLN A 510 -7.51 -10.85 1.62
C GLN A 510 -8.58 -9.87 1.12
N VAL A 511 -9.29 -9.28 2.09
CA VAL A 511 -10.15 -8.10 1.88
C VAL A 511 -9.44 -6.96 2.58
N GLY A 512 -8.87 -6.02 1.81
CA GLY A 512 -7.99 -5.00 2.37
C GLY A 512 -8.55 -3.60 2.28
N LYS A 513 -8.15 -2.74 3.22
CA LYS A 513 -8.49 -1.32 3.22
C LYS A 513 -7.20 -0.47 3.25
N GLY A 514 -7.38 0.86 3.23
CA GLY A 514 -6.35 1.76 2.75
C GLY A 514 -5.38 2.30 3.80
N MET A 515 -4.52 3.20 3.33
CA MET A 515 -3.33 3.62 4.06
C MET A 515 -3.66 4.69 5.10
N TRP A 516 -3.02 4.56 6.26
CA TRP A 516 -3.00 5.64 7.25
C TRP A 516 -1.82 6.54 6.94
N THR A 517 -2.07 7.83 6.68
CA THR A 517 -1.03 8.71 6.16
C THR A 517 -0.44 9.66 7.20
N MET A 518 -1.03 9.77 8.39
CA MET A 518 -0.56 10.71 9.41
C MET A 518 0.48 9.98 10.25
N THR A 519 1.73 10.01 9.77
CA THR A 519 2.77 9.13 10.30
C THR A 519 3.12 9.41 11.76
N GLU A 520 2.86 10.62 12.26
CA GLU A 520 3.16 10.93 13.63
C GLU A 520 1.95 10.86 14.55
N LEU A 521 0.74 10.75 13.99
CA LEU A 521 -0.47 10.71 14.83
C LEU A 521 -0.83 9.26 15.15
N MET A 522 0.01 8.64 15.99
CA MET A 522 -0.18 7.22 16.26
C MET A 522 -1.26 6.97 17.31
N ALA A 523 -1.43 7.90 18.26
CA ALA A 523 -2.59 7.81 19.15
C ALA A 523 -3.88 7.83 18.34
N ASP A 524 -3.98 8.74 17.37
CA ASP A 524 -5.17 8.79 16.54
C ASP A 524 -5.33 7.52 15.71
N MET A 525 -4.23 6.97 15.20
CA MET A 525 -4.33 5.73 14.44
C MET A 525 -4.87 4.61 15.30
N VAL A 526 -4.34 4.46 16.52
CA VAL A 526 -4.80 3.39 17.40
C VAL A 526 -6.27 3.59 17.75
N GLU A 527 -6.71 4.84 17.88
CA GLU A 527 -8.10 5.11 18.23
CA GLU A 527 -8.10 5.09 18.23
C GLU A 527 -9.06 4.84 17.07
N THR A 528 -8.67 5.21 15.84
CA THR A 528 -9.64 5.18 14.76
C THR A 528 -9.45 4.08 13.72
N LYS A 529 -8.23 3.61 13.48
CA LYS A 529 -8.03 2.63 12.39
C LYS A 529 -8.67 1.27 12.71
N ILE A 530 -9.12 1.06 13.96
CA ILE A 530 -9.85 -0.15 14.32
C ILE A 530 -11.13 -0.31 13.50
N ALA A 531 -11.63 0.78 12.91
CA ALA A 531 -12.81 0.70 12.05
C ALA A 531 -12.59 -0.23 10.87
N GLN A 532 -11.35 -0.37 10.42
CA GLN A 532 -11.12 -1.21 9.24
C GLN A 532 -11.33 -2.69 9.53
N PRO A 533 -10.69 -3.29 10.53
CA PRO A 533 -11.05 -4.69 10.85
C PRO A 533 -12.49 -4.82 11.36
N ARG A 534 -13.01 -3.80 12.04
CA ARG A 534 -14.42 -3.83 12.42
C ARG A 534 -15.34 -3.90 11.21
N ALA A 535 -14.88 -3.39 10.06
CA ALA A 535 -15.65 -3.46 8.83
C ALA A 535 -15.43 -4.76 8.07
N GLY A 536 -14.67 -5.71 8.63
CA GLY A 536 -14.47 -6.99 8.00
C GLY A 536 -13.26 -7.08 7.10
N ALA A 537 -12.39 -6.07 7.12
CA ALA A 537 -11.16 -6.14 6.35
C ALA A 537 -10.16 -7.04 7.07
N SER A 538 -9.65 -8.06 6.37
CA SER A 538 -8.60 -8.92 6.94
C SER A 538 -7.22 -8.29 6.89
N THR A 539 -7.06 -7.16 6.19
CA THR A 539 -5.80 -6.44 6.22
C THR A 539 -6.05 -4.99 5.90
N ALA A 540 -5.11 -4.14 6.31
CA ALA A 540 -5.15 -2.74 5.91
C ALA A 540 -3.74 -2.17 5.92
N TRP A 541 -3.58 -1.05 5.24
CA TRP A 541 -2.26 -0.55 4.93
C TRP A 541 -1.70 0.38 6.01
N VAL A 542 -0.43 0.15 6.33
CA VAL A 542 0.31 1.00 7.27
C VAL A 542 1.56 1.55 6.58
N PRO A 543 2.08 2.68 7.06
CA PRO A 543 3.20 3.35 6.39
C PRO A 543 4.60 3.05 6.95
N SER A 544 4.70 2.30 8.03
CA SER A 544 5.99 2.12 8.70
C SER A 544 5.92 0.85 9.53
N PRO A 545 7.08 0.25 9.85
CA PRO A 545 7.07 -0.86 10.80
C PRO A 545 6.44 -0.50 12.15
N THR A 546 6.71 0.71 12.66
CA THR A 546 6.10 1.11 13.93
C THR A 546 4.58 1.07 13.83
N ALA A 547 4.02 1.61 12.75
CA ALA A 547 2.57 1.62 12.61
C ALA A 547 2.01 0.23 12.40
N ALA A 548 2.82 -0.69 11.83
CA ALA A 548 2.38 -2.07 11.69
C ALA A 548 2.19 -2.72 13.06
N THR A 549 3.14 -2.49 13.96
CA THR A 549 3.05 -3.02 15.32
C THR A 549 1.82 -2.48 16.05
N LEU A 550 1.58 -1.17 15.94
CA LEU A 550 0.43 -0.57 16.61
C LEU A 550 -0.89 -1.00 15.98
N HIS A 551 -0.94 -1.10 14.64
CA HIS A 551 -2.17 -1.56 13.99
C HIS A 551 -2.46 -3.03 14.30
N ALA A 552 -1.43 -3.81 14.61
CA ALA A 552 -1.65 -5.20 15.02
C ALA A 552 -2.53 -5.29 16.26
N LEU A 553 -2.47 -4.29 17.14
CA LEU A 553 -3.34 -4.29 18.32
C LEU A 553 -4.81 -4.43 17.92
N HIS A 554 -5.19 -3.81 16.81
CA HIS A 554 -6.59 -3.84 16.39
C HIS A 554 -7.06 -5.25 16.05
N TYR A 555 -6.17 -6.09 15.53
CA TYR A 555 -6.55 -7.44 15.16
C TYR A 555 -6.65 -8.35 16.37
N HIS A 556 -6.03 -7.98 17.48
CA HIS A 556 -6.24 -8.69 18.73
C HIS A 556 -7.55 -8.32 19.38
N GLN A 557 -8.03 -7.09 19.14
CA GLN A 557 -9.28 -6.64 19.69
C GLN A 557 -10.48 -7.10 18.88
N VAL A 558 -10.35 -7.13 17.55
CA VAL A 558 -11.44 -7.45 16.64
C VAL A 558 -11.17 -8.82 16.05
N ASP A 559 -12.17 -9.69 16.10
CA ASP A 559 -12.10 -11.04 15.51
C ASP A 559 -12.63 -10.90 14.09
N VAL A 560 -11.71 -10.65 13.14
CA VAL A 560 -12.11 -10.37 11.76
C VAL A 560 -12.83 -11.57 11.14
N ALA A 561 -12.36 -12.79 11.42
CA ALA A 561 -13.04 -13.97 10.90
C ALA A 561 -14.51 -13.96 11.32
N ALA A 562 -14.76 -13.69 12.60
CA ALA A 562 -16.14 -13.63 13.08
C ALA A 562 -16.91 -12.50 12.42
N VAL A 563 -16.28 -11.32 12.27
CA VAL A 563 -16.97 -10.19 11.62
C VAL A 563 -17.36 -10.55 10.19
N GLN A 564 -16.43 -11.15 9.44
CA GLN A 564 -16.72 -11.55 8.07
C GLN A 564 -17.87 -12.55 8.00
N GLN A 565 -17.90 -13.51 8.93
CA GLN A 565 -18.99 -14.48 8.93
C GLN A 565 -20.33 -13.78 9.18
N GLY A 566 -20.35 -12.77 10.06
CA GLY A 566 -21.58 -12.04 10.30
C GLY A 566 -22.02 -11.17 9.15
N LEU A 567 -21.09 -10.79 8.27
CA LEU A 567 -21.44 -9.94 7.13
C LEU A 567 -21.96 -10.73 5.93
N ALA A 568 -21.87 -12.06 5.97
CA ALA A 568 -22.18 -12.89 4.81
C ALA A 568 -23.62 -12.68 4.32
N GLY A 569 -23.76 -12.58 3.00
CA GLY A 569 -25.07 -12.44 2.38
C GLY A 569 -25.63 -11.04 2.35
N LYS A 570 -24.97 -10.07 3.00
CA LYS A 570 -25.49 -8.71 3.09
C LYS A 570 -25.10 -7.90 1.87
N ARG A 571 -26.05 -7.12 1.36
CA ARG A 571 -25.82 -6.16 0.27
C ARG A 571 -26.08 -4.78 0.85
N ARG A 572 -25.02 -4.09 1.24
CA ARG A 572 -25.13 -2.88 2.03
C ARG A 572 -24.94 -1.60 1.21
N ALA A 573 -24.68 -1.72 -0.09
CA ALA A 573 -24.52 -0.54 -0.94
C ALA A 573 -25.30 -0.75 -2.23
N THR A 574 -26.01 0.27 -2.66
CA THR A 574 -26.69 0.24 -3.95
C THR A 574 -25.81 0.91 -5.01
N ILE A 575 -26.08 0.59 -6.26
CA ILE A 575 -25.43 1.28 -7.37
C ILE A 575 -25.68 2.77 -7.31
N GLU A 576 -26.87 3.18 -6.87
CA GLU A 576 -27.15 4.61 -6.77
C GLU A 576 -26.22 5.28 -5.78
N GLN A 577 -25.98 4.63 -4.64
CA GLN A 577 -25.05 5.18 -3.66
C GLN A 577 -23.64 5.29 -4.23
N LEU A 578 -23.16 4.23 -4.90
CA LEU A 578 -21.81 4.26 -5.46
C LEU A 578 -21.66 5.39 -6.46
N LEU A 579 -22.75 5.74 -7.16
CA LEU A 579 -22.72 6.75 -8.20
C LEU A 579 -23.08 8.14 -7.72
N THR A 580 -23.15 8.37 -6.40
CA THR A 580 -23.50 9.70 -5.88
C THR A 580 -22.29 10.62 -5.98
N ILE A 581 -22.34 11.56 -6.92
CA ILE A 581 -21.16 12.40 -7.19
C ILE A 581 -21.01 13.43 -6.08
N PRO A 582 -19.76 13.66 -5.54
CA PRO A 582 -19.54 14.57 -4.41
C PRO A 582 -19.54 16.05 -4.77
N LEU A 583 -20.60 16.51 -5.42
CA LEU A 583 -20.76 17.91 -5.76
C LEU A 583 -21.03 18.74 -4.51
N ALA A 584 -20.43 19.92 -4.46
CA ALA A 584 -20.71 20.85 -3.37
C ALA A 584 -22.09 21.48 -3.56
N LYS A 585 -22.73 21.79 -2.44
CA LYS A 585 -24.01 22.50 -2.50
C LYS A 585 -23.78 23.97 -2.79
N GLU A 586 -24.89 24.68 -3.01
CA GLU A 586 -24.82 26.11 -3.26
C GLU A 586 -24.24 26.85 -2.06
N LEU A 587 -23.37 27.83 -2.34
CA LEU A 587 -22.88 28.78 -1.33
C LEU A 587 -22.16 28.10 -0.18
N ALA A 588 -21.42 27.02 -0.49
CA ALA A 588 -20.92 26.15 0.56
C ALA A 588 -19.81 26.79 1.39
N TRP A 589 -19.03 27.70 0.82
CA TRP A 589 -17.79 28.12 1.46
C TRP A 589 -17.69 29.64 1.55
N ALA A 590 -17.07 30.09 2.64
CA ALA A 590 -16.68 31.48 2.80
C ALA A 590 -15.31 31.69 2.16
N PRO A 591 -14.91 32.95 1.95
CA PRO A 591 -13.60 33.20 1.33
C PRO A 591 -12.42 32.65 2.12
N ASP A 592 -12.49 32.66 3.45
CA ASP A 592 -11.37 32.12 4.23
C ASP A 592 -11.24 30.61 4.08
N GLU A 593 -12.36 29.90 3.88
CA GLU A 593 -12.31 28.46 3.69
C GLU A 593 -11.75 28.08 2.32
N ILE A 594 -12.12 28.83 1.28
CA ILE A 594 -11.54 28.61 -0.05
C ILE A 594 -10.04 28.87 -0.02
N ARG A 595 -9.64 29.96 0.63
CA ARG A 595 -8.23 30.31 0.78
C ARG A 595 -7.44 29.17 1.43
N GLU A 596 -7.99 28.61 2.51
CA GLU A 596 -7.28 27.53 3.20
C GLU A 596 -7.18 26.28 2.34
N GLU A 597 -8.25 25.95 1.60
CA GLU A 597 -8.21 24.78 0.74
C GLU A 597 -7.16 24.94 -0.37
N VAL A 598 -7.11 26.12 -0.98
CA VAL A 598 -6.12 26.35 -2.03
C VAL A 598 -4.71 26.28 -1.46
N ASP A 599 -4.45 26.99 -0.36
CA ASP A 599 -3.11 27.00 0.23
C ASP A 599 -2.70 25.60 0.69
N ASN A 600 -3.62 24.87 1.31
CA ASN A 600 -3.31 23.52 1.77
C ASN A 600 -2.96 22.61 0.59
N ASN A 601 -3.78 22.66 -0.47
CA ASN A 601 -3.50 21.81 -1.63
C ASN A 601 -2.21 22.21 -2.31
N CYS A 602 -1.94 23.50 -2.45
CA CYS A 602 -0.71 23.94 -3.08
C CYS A 602 0.52 23.54 -2.25
N GLN A 603 0.44 23.66 -0.93
CA GLN A 603 1.60 23.27 -0.11
C GLN A 603 1.88 21.78 -0.23
N SER A 604 0.84 20.95 -0.19
CA SER A 604 1.06 19.52 -0.30
C SER A 604 1.56 19.15 -1.70
N ILE A 605 1.03 19.80 -2.73
CA ILE A 605 1.50 19.54 -4.09
C ILE A 605 2.97 19.92 -4.20
N LEU A 606 3.32 21.15 -3.78
CA LEU A 606 4.70 21.62 -3.90
C LEU A 606 5.66 20.79 -3.04
N GLY A 607 5.28 20.49 -1.81
CA GLY A 607 6.18 19.73 -0.95
C GLY A 607 6.49 18.35 -1.50
N TYR A 608 5.51 17.73 -2.16
CA TYR A 608 5.74 16.40 -2.70
C TYR A 608 6.50 16.46 -4.02
N VAL A 609 6.09 17.38 -4.90
CA VAL A 609 6.62 17.44 -6.26
C VAL A 609 8.08 17.87 -6.27
N VAL A 610 8.49 18.74 -5.33
CA VAL A 610 9.87 19.24 -5.36
C VAL A 610 10.88 18.12 -5.11
N ARG A 611 10.56 17.20 -4.20
CA ARG A 611 11.46 16.08 -3.95
C ARG A 611 11.34 15.02 -5.03
N TRP A 612 10.17 14.91 -5.67
CA TRP A 612 10.01 14.01 -6.80
C TRP A 612 10.91 14.45 -7.95
N VAL A 613 10.75 15.70 -8.38
CA VAL A 613 11.38 16.15 -9.63
C VAL A 613 12.87 16.37 -9.44
N ASP A 614 13.28 16.96 -8.32
CA ASP A 614 14.68 17.31 -8.13
C ASP A 614 15.51 16.17 -7.53
N GLN A 615 14.90 15.26 -6.78
CA GLN A 615 15.67 14.22 -6.10
C GLN A 615 15.19 12.79 -6.38
N GLY A 616 14.18 12.61 -7.22
CA GLY A 616 13.67 11.28 -7.50
C GLY A 616 13.16 10.52 -6.29
N VAL A 617 12.54 11.23 -5.34
CA VAL A 617 11.94 10.61 -4.15
C VAL A 617 10.44 10.54 -4.36
N GLY A 618 9.88 9.32 -4.39
CA GLY A 618 8.48 9.11 -4.69
C GLY A 618 7.52 9.11 -3.53
N ALA A 619 8.03 9.20 -2.30
CA ALA A 619 7.18 9.31 -1.13
C ALA A 619 7.90 10.17 -0.10
N SER A 620 7.22 11.20 0.41
CA SER A 620 7.81 12.16 1.34
C SER A 620 6.79 12.53 2.41
N LYS A 621 7.28 12.74 3.63
CA LYS A 621 6.48 13.34 4.68
C LYS A 621 6.44 14.83 4.41
N VAL A 622 5.23 15.38 4.23
CA VAL A 622 5.05 16.78 3.92
C VAL A 622 4.07 17.36 4.95
N PRO A 623 4.49 18.30 5.79
CA PRO A 623 3.54 18.92 6.72
C PRO A 623 2.50 19.67 5.94
N ASP A 624 1.26 19.59 6.41
CA ASP A 624 0.17 20.29 5.75
C ASP A 624 0.00 21.68 6.38
N ILE A 625 -1.07 22.38 5.99
CA ILE A 625 -1.30 23.73 6.48
C ILE A 625 -1.57 23.74 7.98
N HIS A 626 -2.00 22.61 8.54
CA HIS A 626 -2.18 22.50 9.99
C HIS A 626 -0.97 21.91 10.69
N ASP A 627 0.17 21.81 9.99
CA ASP A 627 1.43 21.28 10.50
C ASP A 627 1.39 19.80 10.82
N VAL A 628 0.45 19.06 10.23
CA VAL A 628 0.38 17.61 10.38
C VAL A 628 1.24 16.96 9.32
N ALA A 629 2.17 16.11 9.74
CA ALA A 629 3.03 15.40 8.80
C ALA A 629 2.21 14.33 8.07
N LEU A 630 2.13 14.44 6.75
CA LEU A 630 1.40 13.49 5.92
C LEU A 630 2.39 12.80 5.00
N MET A 631 2.28 11.48 4.91
CA MET A 631 3.06 10.74 3.93
C MET A 631 2.37 10.88 2.59
N GLU A 632 3.01 11.57 1.66
CA GLU A 632 2.43 11.85 0.35
C GLU A 632 2.98 10.87 -0.69
N ASP A 633 2.12 10.43 -1.59
CA ASP A 633 2.61 9.77 -2.80
C ASP A 633 1.76 10.24 -3.98
N ARG A 634 1.87 9.56 -5.13
CA ARG A 634 1.19 10.08 -6.32
C ARG A 634 -0.33 10.14 -6.14
N ALA A 635 -0.93 9.24 -5.35
CA ALA A 635 -2.38 9.28 -5.23
C ALA A 635 -2.87 10.50 -4.46
N THR A 636 -2.16 10.89 -3.38
CA THR A 636 -2.55 12.11 -2.70
C THR A 636 -2.31 13.33 -3.58
N LEU A 637 -1.25 13.29 -4.40
CA LEU A 637 -1.02 14.33 -5.38
C LEU A 637 -2.15 14.38 -6.41
N ARG A 638 -2.61 13.20 -6.87
CA ARG A 638 -3.72 13.12 -7.80
C ARG A 638 -4.95 13.83 -7.24
N ILE A 639 -5.23 13.64 -5.96
CA ILE A 639 -6.41 14.29 -5.35
C ILE A 639 -6.23 15.80 -5.34
N SER A 640 -5.11 16.28 -4.80
CA SER A 640 -4.92 17.71 -4.62
C SER A 640 -4.94 18.44 -5.97
N SER A 641 -4.24 17.88 -6.95
CA SER A 641 -4.19 18.53 -8.25
C SER A 641 -5.53 18.47 -8.96
N GLN A 642 -6.26 17.36 -8.84
CA GLN A 642 -7.57 17.28 -9.48
C GLN A 642 -8.57 18.22 -8.80
N LEU A 643 -8.53 18.34 -7.48
CA LEU A 643 -9.48 19.22 -6.80
C LEU A 643 -9.28 20.65 -7.24
N LEU A 644 -8.03 21.14 -7.25
CA LEU A 644 -7.76 22.50 -7.70
C LEU A 644 -8.13 22.67 -9.18
N ALA A 645 -7.80 21.68 -10.03
CA ALA A 645 -8.24 21.73 -11.42
C ALA A 645 -9.76 21.90 -11.52
N ASN A 646 -10.50 21.15 -10.69
CA ASN A 646 -11.96 21.22 -10.69
C ASN A 646 -12.46 22.58 -10.22
N TRP A 647 -11.86 23.11 -9.16
CA TRP A 647 -12.28 24.42 -8.67
C TRP A 647 -11.98 25.51 -9.69
N LEU A 648 -10.84 25.40 -10.38
CA LEU A 648 -10.51 26.35 -11.44
C LEU A 648 -11.45 26.21 -12.62
N ARG A 649 -11.84 24.97 -12.95
CA ARG A 649 -12.73 24.72 -14.07
C ARG A 649 -14.11 25.33 -13.86
N HIS A 650 -14.55 25.46 -12.60
CA HIS A 650 -15.92 25.88 -12.33
C HIS A 650 -16.00 27.27 -11.68
N GLY A 651 -14.92 28.03 -11.67
CA GLY A 651 -14.99 29.40 -11.20
C GLY A 651 -14.99 29.59 -9.71
N VAL A 652 -14.61 28.57 -8.93
CA VAL A 652 -14.48 28.76 -7.50
C VAL A 652 -13.27 29.62 -7.18
N ILE A 653 -12.20 29.44 -7.96
CA ILE A 653 -10.96 30.20 -7.82
C ILE A 653 -10.52 30.65 -9.20
N THR A 654 -9.66 31.66 -9.23
CA THR A 654 -9.12 32.16 -10.48
C THR A 654 -7.71 31.64 -10.67
N SER A 655 -7.20 31.85 -11.90
CA SER A 655 -5.81 31.49 -12.17
C SER A 655 -4.84 32.35 -11.38
N ALA A 656 -5.25 33.59 -11.03
CA ALA A 656 -4.42 34.40 -10.17
C ALA A 656 -4.37 33.82 -8.76
N ASP A 657 -5.50 33.28 -8.29
CA ASP A 657 -5.53 32.64 -6.98
C ASP A 657 -4.54 31.48 -6.93
N VAL A 658 -4.52 30.65 -7.98
CA VAL A 658 -3.63 29.50 -8.01
C VAL A 658 -2.18 29.94 -8.01
N ARG A 659 -1.85 30.86 -8.91
CA ARG A 659 -0.45 31.30 -9.00
C ARG A 659 0.02 31.93 -7.70
N ALA A 660 -0.82 32.76 -7.08
CA ALA A 660 -0.45 33.41 -5.84
C ALA A 660 -0.21 32.39 -4.73
N SER A 661 -1.10 31.41 -4.61
CA SER A 661 -0.93 30.37 -3.60
C SER A 661 0.36 29.58 -3.84
N LEU A 662 0.61 29.17 -5.08
CA LEU A 662 1.86 28.47 -5.36
C LEU A 662 3.06 29.32 -4.97
N GLU A 663 3.02 30.61 -5.29
CA GLU A 663 4.17 31.44 -4.99
C GLU A 663 4.32 31.68 -3.49
N ARG A 664 3.20 31.71 -2.76
CA ARG A 664 3.25 31.93 -1.33
C ARG A 664 3.71 30.67 -0.59
N MET A 665 3.30 29.50 -1.05
CA MET A 665 3.63 28.28 -0.32
C MET A 665 5.03 27.78 -0.66
N ALA A 666 5.51 28.05 -1.87
CA ALA A 666 6.83 27.63 -2.29
C ALA A 666 7.95 28.06 -1.36
N PRO A 667 8.03 29.31 -0.89
CA PRO A 667 9.10 29.64 0.05
C PRO A 667 8.97 28.88 1.35
N LEU A 668 7.74 28.57 1.78
CA LEU A 668 7.61 27.77 2.99
C LEU A 668 8.16 26.37 2.78
N VAL A 669 7.87 25.76 1.62
CA VAL A 669 8.43 24.44 1.30
C VAL A 669 9.95 24.50 1.21
N ASP A 670 10.49 25.57 0.59
CA ASP A 670 11.94 25.73 0.54
C ASP A 670 12.55 25.73 1.94
N ARG A 671 11.84 26.30 2.91
CA ARG A 671 12.39 26.34 4.25
C ARG A 671 12.35 24.97 4.92
N GLN A 672 11.30 24.19 4.68
CA GLN A 672 11.20 22.87 5.30
C GLN A 672 12.30 21.92 4.84
N ASN A 673 12.98 22.21 3.72
CA ASN A 673 13.93 21.24 3.18
C ASN A 673 15.39 21.51 3.54
N ASP A 676 18.96 20.86 3.64
CA ASP A 676 18.87 19.72 2.66
C ASP A 676 19.88 19.67 1.46
N VAL A 677 20.82 18.72 1.53
CA VAL A 677 22.03 18.71 0.72
C VAL A 677 21.80 18.89 -0.78
N ALA A 678 20.84 18.14 -1.33
CA ALA A 678 20.57 18.21 -2.77
C ALA A 678 19.35 19.06 -3.09
N TYR A 679 18.96 19.95 -2.18
CA TYR A 679 17.75 20.74 -2.37
C TYR A 679 18.04 22.04 -3.11
N ARG A 680 17.27 22.31 -4.16
CA ARG A 680 17.36 23.56 -4.90
C ARG A 680 16.14 24.40 -4.59
N PRO A 681 16.30 25.57 -3.97
CA PRO A 681 15.13 26.41 -3.66
C PRO A 681 14.33 26.75 -4.92
N MET A 682 13.01 26.71 -4.79
CA MET A 682 12.14 27.03 -5.90
C MET A 682 12.00 28.54 -6.08
N ALA A 683 11.91 29.26 -4.96
CA ALA A 683 11.77 30.71 -5.03
C ALA A 683 13.14 31.35 -4.88
N PRO A 684 13.30 32.58 -5.36
CA PRO A 684 12.24 33.37 -6.01
C PRO A 684 12.14 33.17 -7.52
N ASN A 685 13.09 32.43 -8.11
CA ASN A 685 13.16 32.27 -9.57
C ASN A 685 12.26 31.11 -9.99
N PHE A 686 10.95 31.33 -9.85
CA PHE A 686 9.97 30.26 -10.05
C PHE A 686 10.06 29.66 -11.45
N ASP A 687 10.12 30.52 -12.47
CA ASP A 687 10.15 29.95 -13.81
C ASP A 687 11.47 29.29 -14.16
N ASP A 688 12.48 29.34 -13.30
CA ASP A 688 13.73 28.61 -13.50
C ASP A 688 13.75 27.27 -12.78
N SER A 689 12.69 26.94 -12.04
CA SER A 689 12.63 25.71 -11.26
C SER A 689 11.72 24.73 -11.98
N ILE A 690 12.30 23.63 -12.46
CA ILE A 690 11.50 22.60 -13.12
C ILE A 690 10.46 22.03 -12.16
N ALA A 691 10.81 21.92 -10.88
CA ALA A 691 9.89 21.39 -9.88
C ALA A 691 8.69 22.30 -9.70
N PHE A 692 8.91 23.62 -9.59
CA PHE A 692 7.80 24.56 -9.48
C PHE A 692 6.91 24.50 -10.73
N LEU A 693 7.53 24.46 -11.91
CA LEU A 693 6.74 24.41 -13.14
C LEU A 693 5.97 23.10 -13.26
N ALA A 694 6.51 22.01 -12.71
CA ALA A 694 5.78 20.75 -12.70
C ALA A 694 4.55 20.87 -11.82
N ALA A 695 4.72 21.42 -10.63
CA ALA A 695 3.59 21.63 -9.73
C ALA A 695 2.51 22.47 -10.40
N GLN A 696 2.91 23.55 -11.06
CA GLN A 696 1.96 24.40 -11.74
C GLN A 696 1.24 23.65 -12.84
N GLU A 697 1.98 22.87 -13.63
CA GLU A 697 1.40 22.13 -14.75
C GLU A 697 0.40 21.08 -14.25
N LEU A 698 0.70 20.45 -13.12
CA LEU A 698 -0.22 19.45 -12.58
C LEU A 698 -1.59 20.05 -12.29
N ILE A 699 -1.63 21.32 -11.88
CA ILE A 699 -2.92 21.97 -11.65
C ILE A 699 -3.50 22.51 -12.95
N LEU A 700 -2.74 23.34 -13.67
CA LEU A 700 -3.30 24.03 -14.83
C LEU A 700 -3.59 23.09 -15.99
N SER A 701 -2.90 21.95 -16.07
CA SER A 701 -3.19 20.95 -17.08
C SER A 701 -3.93 19.75 -16.53
N GLY A 702 -4.33 19.79 -15.25
CA GLY A 702 -4.87 18.61 -14.61
C GLY A 702 -6.13 18.08 -15.28
N ALA A 703 -7.01 18.98 -15.71
CA ALA A 703 -8.24 18.53 -16.34
C ALA A 703 -7.98 17.78 -17.65
N GLN A 704 -6.82 17.98 -18.27
CA GLN A 704 -6.52 17.35 -19.55
C GLN A 704 -5.71 16.06 -19.41
N GLN A 705 -5.26 15.73 -18.21
CA GLN A 705 -4.50 14.49 -18.04
C GLN A 705 -5.44 13.29 -18.07
N PRO A 706 -4.97 12.15 -18.59
CA PRO A 706 -5.86 10.98 -18.72
C PRO A 706 -6.24 10.46 -17.35
N ASN A 707 -7.55 10.46 -17.07
CA ASN A 707 -8.09 10.07 -15.78
C ASN A 707 -7.43 10.81 -14.62
N GLY A 708 -6.90 12.00 -14.89
CA GLY A 708 -6.25 12.80 -13.87
C GLY A 708 -4.92 12.27 -13.40
N TYR A 709 -4.28 11.36 -14.13
CA TYR A 709 -3.04 10.79 -13.66
C TYR A 709 -1.89 11.79 -13.70
N THR A 710 -1.01 11.67 -12.73
CA THR A 710 0.10 12.60 -12.53
C THR A 710 1.39 12.12 -13.17
N GLU A 711 1.50 10.85 -13.52
CA GLU A 711 2.76 10.34 -14.04
C GLU A 711 3.21 11.02 -15.32
N PRO A 712 2.35 11.28 -16.32
CA PRO A 712 2.88 11.90 -17.55
C PRO A 712 3.66 13.18 -17.28
N ILE A 713 3.12 14.07 -16.45
CA ILE A 713 3.83 15.30 -16.12
C ILE A 713 5.05 15.01 -15.25
N LEU A 714 4.89 14.22 -14.18
CA LEU A 714 6.02 13.97 -13.29
C LEU A 714 7.18 13.33 -14.04
N HIS A 715 6.90 12.35 -14.89
CA HIS A 715 7.98 11.66 -15.60
C HIS A 715 8.70 12.61 -16.54
N ARG A 716 7.93 13.36 -17.33
CA ARG A 716 8.54 14.32 -18.24
C ARG A 716 9.40 15.33 -17.49
N ARG A 717 8.90 15.87 -16.38
CA ARG A 717 9.64 16.90 -15.66
C ARG A 717 10.86 16.34 -14.94
N ARG A 718 10.76 15.12 -14.40
CA ARG A 718 11.92 14.49 -13.78
C ARG A 718 13.01 14.21 -14.83
N ARG A 719 12.62 13.75 -16.01
CA ARG A 719 13.60 13.54 -17.07
CA ARG A 719 13.59 13.53 -17.07
C ARG A 719 14.22 14.84 -17.52
N GLU A 720 13.41 15.90 -17.60
CA GLU A 720 13.94 17.23 -17.91
C GLU A 720 14.97 17.65 -16.87
N PHE A 721 14.67 17.43 -15.59
CA PHE A 721 15.61 17.80 -14.54
C PHE A 721 16.92 17.02 -14.69
N LYS A 722 16.82 15.70 -14.87
CA LYS A 722 18.02 14.88 -15.04
C LYS A 722 18.86 15.36 -16.22
N ALA A 723 18.21 15.73 -17.32
CA ALA A 723 18.96 16.19 -18.49
C ALA A 723 19.73 17.46 -18.19
N ARG A 724 19.08 18.43 -17.54
CA ARG A 724 19.77 19.67 -17.20
C ARG A 724 20.90 19.42 -16.21
N ALA A 725 20.69 18.52 -15.26
CA ALA A 725 21.74 18.22 -14.28
C ALA A 725 22.97 17.57 -14.91
N ALA A 726 22.81 16.92 -16.06
CA ALA A 726 23.91 16.26 -16.73
C ALA A 726 24.73 17.19 -17.62
N GLU A 727 24.86 18.45 -17.25
CA GLU A 727 25.68 19.41 -17.99
C GLU A 727 26.03 20.63 -17.16
#